data_8DCR
#
_entry.id   8DCR
#
_cell.length_a   1.00
_cell.length_b   1.00
_cell.length_c   1.00
_cell.angle_alpha   90.00
_cell.angle_beta   90.00
_cell.angle_gamma   90.00
#
_symmetry.space_group_name_H-M   'P 1'
#
loop_
_entity.id
_entity.type
_entity.pdbx_description
1 polymer 'Guanine nucleotide-binding protein G(I)/G(S)/G(T) subunit beta-1'
2 polymer 'Nanobody 35'
3 polymer 'Guanine nucleotide-binding protein G(s) subunit alpha isoforms short'
4 polymer 'Guanine nucleotide-binding protein G(I)/G(S)/G(O) subunit gamma-2'
5 polymer 'Endolysin,Endolysin,Beta-1 adrenergic receptor chimera'
6 non-polymer DOBUTAMINE
#
loop_
_entity_poly.entity_id
_entity_poly.type
_entity_poly.pdbx_seq_one_letter_code
_entity_poly.pdbx_strand_id
1 'polypeptide(L)'
;SELDQLRQEAEQLKNQIRDARKACADATLSQITNNIDPVGRIQMRTRRTLRGHLAKIYAMHWGTDSRLLVSASQDGKLII
WDSYTTNKVHAIPLRSSWVMTCAYAPSGNYVACGGLDNICSIYNLKTREGNVRVSRELAGHTGYLSCCRFLDDNQIVTSS
GDTTCALWDIETGQQTTTFTGHTGDVMSLSLAPDTRLFVSGACDASAKLWDVREGMCRQTFTGHESDINAICFFPNGNAF
ATGSDDATCRLFDLRADQELMTYSHDNIICGITSVSFSKSGRLLLAGYDDFNCNVWDALKADRAGVLAGHDNRVSCLGVT
DDGMAVATGSWDSFLKIWN
;
B
2 'polypeptide(L)'
;AAQVQLQESGGGLVQPGGSLRLSCAASGFTFSNYKMNWVRQAPGKGLEWVSDISQSGASISYTGSVKGRFTISRDNAKNT
LYLQMNSLKPEDTAVYYCARCPAPFTRDCFDVTSTTYAYRGQGTQVTVSSHHHHHHEPEA
;
N
3 'polypeptide(L)'
;GPLAMGCLGNSKTEDQRNEEKGQREANKKIEKQLQKDKQVYRATHRLLLLGAGESGKSTIVKQMRILHVNGFNGDSEKAT
KVQDIKNNLKEAIETIVAAMSNLVPPVELANPENQFRVDYILSVMNVPDFDFPPEFYEHAKALWEDEGVRACYERSNEYQ
LIDCAQYFLDKIDVIKQDDYVPSDQDLLRCRVLTSGIFETKFQVDKVNFHMFDVGGQRDERRKWIQCFNDVTAIIFVVAS
SSYNMVIREDNQTNRLQEALNLFKSIWNNRWLRTISVILFLNKQDLLAEKVLAGKSKIEDYFPEFARYTTPEDATPEPGE
DPRVTRAKYFIRDEFLRISTASGDGRHYCYPHFTCAVDTENIRRVFNDCRDIIQRMHLRQYELL
;
A
4 'polypeptide(L)' MASNNTASIAQARKLVEQLKMEANIDRIKVSKAAADLMAYCEAHAKEDPLLTPVPASENPFREKKFFSAIL G
5 'polypeptide(L)'
;MKTIIALSYIFCLVFADYKDDDDKLEVLFQGPNIFEMLRIDEGLRLKIYKDTEGYYTIGIGHLLTKSPSLNAAKSELDKA
IGRNTNGVITKDEAEKLFNQDVDAAVRGILRNAKLKPVYDSLDAVRRAALINMVFQMGETGVAGFTNSLRMLQQKRWDEA
AVNLAKSRWYNQTPNRAKRVITTFRTGTWDAYAAGAELLSQQWEAGMSLLMALVVLLIVAGNVLVIAAIGSTQRLQTLTN
LFITSLACADLVVGLLVVPFGATLVVRGTWLWGSFLCELWTSLDVLCVTASIETLCVIAIDRYLAITSPFRYQSLMTRAR
AKVIICTVWAISALVSFLPIMMHWWRDEDPQALKCYQDPGCCDFVTNRAYAIASSIISFYIPLLIMIFVYLRVYREAKEQ
IRKIDRCEGRFREHKALKTLGIIMGVFTLCWLPFFLVNIVNVFNRDLVPDWLFVFFNWLGYANSAFNPIIYCRSPDFRKA
FKRLLCFPRKADRRLEVLFQGPHHHHHH
;
R
#
loop_
_chem_comp.id
_chem_comp.type
_chem_comp.name
_chem_comp.formula
Y00 non-polymer DOBUTAMINE 'C18 H23 N O3'
#
# COMPACT_ATOMS: atom_id res chain seq x y z
N GLU A 2 25.69 46.65 10.51
CA GLU A 2 25.00 46.58 11.79
C GLU A 2 24.16 45.31 11.91
N LEU A 3 24.00 44.59 10.80
CA LEU A 3 23.24 43.36 10.82
C LEU A 3 23.90 42.30 11.70
N ASP A 4 25.17 42.47 12.05
CA ASP A 4 25.86 41.50 12.89
C ASP A 4 25.36 41.52 14.33
N GLN A 5 24.76 42.64 14.78
CA GLN A 5 24.28 42.71 16.15
C GLN A 5 23.24 41.62 16.42
N LEU A 6 22.30 41.42 15.51
CA LEU A 6 21.28 40.41 15.70
C LEU A 6 21.84 39.00 15.52
N ARG A 7 22.80 38.82 14.61
CA ARG A 7 23.47 37.54 14.51
C ARG A 7 24.13 37.17 15.84
N GLN A 8 24.69 38.18 16.51
CA GLN A 8 25.36 37.99 17.77
C GLN A 8 24.33 37.70 18.86
N GLU A 9 23.17 38.33 18.74
CA GLU A 9 22.11 38.10 19.71
C GLU A 9 21.62 36.66 19.57
N ALA A 10 21.54 36.18 18.33
CA ALA A 10 21.09 34.84 18.07
C ALA A 10 22.11 33.83 18.56
N GLU A 11 23.35 34.07 18.14
CA GLU A 11 24.46 33.21 18.52
C GLU A 11 24.51 33.12 20.03
N GLN A 12 24.41 34.26 20.71
CA GLN A 12 24.43 34.24 22.15
C GLN A 12 23.27 33.53 22.75
N LEU A 13 22.05 33.85 22.30
CA LEU A 13 20.86 33.21 22.83
C LEU A 13 20.88 31.70 22.63
N LYS A 14 21.30 31.26 21.45
CA LYS A 14 21.38 29.84 21.11
C LYS A 14 22.36 29.14 22.01
N ASN A 15 23.48 29.79 22.29
CA ASN A 15 24.40 29.17 23.18
C ASN A 15 23.72 29.03 24.55
N GLN A 16 23.10 30.07 25.07
CA GLN A 16 22.45 29.99 26.38
C GLN A 16 21.42 28.94 26.42
N ILE A 17 20.68 28.77 25.34
CA ILE A 17 19.68 27.72 25.39
C ILE A 17 20.34 26.35 25.36
N ARG A 18 21.37 26.17 24.52
CA ARG A 18 22.08 24.91 24.48
C ARG A 18 22.66 24.58 25.85
N ASP A 19 23.22 25.59 26.54
CA ASP A 19 23.81 25.36 27.84
C ASP A 19 22.75 25.05 28.89
N ALA A 20 21.64 25.78 28.88
CA ALA A 20 20.57 25.53 29.85
C ALA A 20 19.84 24.23 29.57
N ARG A 21 20.00 23.66 28.38
CA ARG A 21 19.44 22.34 28.08
C ARG A 21 20.43 21.23 28.34
N LYS A 22 21.73 21.51 28.32
CA LYS A 22 22.72 20.52 28.71
C LYS A 22 22.86 20.44 30.22
N ALA A 23 22.69 21.57 30.91
CA ALA A 23 22.87 21.60 32.36
C ALA A 23 21.75 20.86 33.08
N CYS A 24 20.52 21.00 32.59
CA CYS A 24 19.39 20.30 33.20
C CYS A 24 19.21 18.92 32.61
N ALA A 25 20.31 18.16 32.54
CA ALA A 25 20.32 16.78 32.07
C ALA A 25 21.08 15.97 33.11
N ASP A 26 20.39 15.58 34.18
CA ASP A 26 21.05 14.88 35.28
C ASP A 26 21.32 13.43 34.91
N ALA A 27 20.34 12.75 34.32
CA ALA A 27 20.46 11.34 33.98
C ALA A 27 19.60 11.07 32.76
N THR A 28 19.58 9.81 32.33
CA THR A 28 18.78 9.39 31.19
C THR A 28 17.63 8.51 31.66
N LEU A 29 16.48 8.67 31.00
CA LEU A 29 15.29 7.91 31.37
C LEU A 29 15.61 6.42 31.47
N SER A 30 16.51 5.93 30.61
CA SER A 30 16.90 4.53 30.67
C SER A 30 17.44 4.16 32.05
N GLN A 31 17.96 5.14 32.80
CA GLN A 31 18.58 4.83 34.09
C GLN A 31 17.56 4.70 35.20
N ILE A 32 16.85 5.78 35.52
CA ILE A 32 15.85 5.72 36.58
C ILE A 32 14.76 4.72 36.23
N THR A 33 14.66 4.32 34.96
CA THR A 33 13.76 3.28 34.52
C THR A 33 14.40 1.90 34.53
N ASN A 34 15.50 1.74 35.27
CA ASN A 34 16.28 0.50 35.19
C ASN A 34 15.71 -0.61 36.06
N ASN A 35 15.14 -0.26 37.23
CA ASN A 35 14.72 -1.28 38.18
C ASN A 35 13.23 -1.58 38.12
N ILE A 36 12.49 -0.95 37.23
CA ILE A 36 11.07 -1.25 37.11
C ILE A 36 10.89 -2.57 36.38
N ASP A 37 9.71 -3.17 36.56
CA ASP A 37 9.41 -4.41 35.89
C ASP A 37 9.42 -4.22 34.38
N PRO A 38 9.54 -5.31 33.62
CA PRO A 38 9.19 -5.26 32.21
C PRO A 38 7.72 -5.59 32.03
N VAL A 39 7.12 -5.00 30.99
CA VAL A 39 5.68 -5.13 30.79
C VAL A 39 5.26 -6.59 30.91
N GLY A 40 6.08 -7.50 30.38
CA GLY A 40 5.62 -8.84 30.10
C GLY A 40 5.07 -8.85 28.70
N ARG A 41 5.68 -9.65 27.82
CA ARG A 41 5.35 -9.57 26.41
C ARG A 41 3.84 -9.55 26.20
N ILE A 42 3.40 -8.61 25.38
CA ILE A 42 1.97 -8.36 25.15
C ILE A 42 1.52 -9.18 23.96
N GLN A 43 0.42 -9.91 24.12
CA GLN A 43 -0.16 -10.71 23.05
C GLN A 43 -1.64 -10.38 22.96
N MET A 44 -1.97 -9.43 22.08
CA MET A 44 -3.35 -9.08 21.78
C MET A 44 -3.81 -9.87 20.58
N ARG A 45 -5.11 -10.13 20.53
CA ARG A 45 -5.74 -10.82 19.41
C ARG A 45 -6.76 -9.91 18.76
N THR A 46 -6.95 -10.08 17.46
CA THR A 46 -8.04 -9.42 16.77
C THR A 46 -9.36 -9.91 17.34
N ARG A 47 -10.15 -8.98 17.89
CA ARG A 47 -11.49 -9.28 18.34
C ARG A 47 -12.55 -8.94 17.32
N ARG A 48 -12.31 -7.95 16.46
CA ARG A 48 -13.30 -7.59 15.46
C ARG A 48 -12.62 -7.25 14.15
N THR A 49 -13.33 -7.49 13.05
CA THR A 49 -12.93 -7.03 11.74
C THR A 49 -14.10 -6.26 11.15
N LEU A 50 -13.97 -4.94 11.09
CA LEU A 50 -14.97 -4.09 10.47
C LEU A 50 -14.69 -4.04 8.97
N ARG A 51 -15.67 -4.50 8.21
CA ARG A 51 -15.61 -4.59 6.76
C ARG A 51 -16.71 -3.73 6.17
N GLY A 52 -16.49 -3.23 4.97
CA GLY A 52 -17.45 -2.39 4.31
C GLY A 52 -16.82 -1.24 3.56
N HIS A 53 -15.68 -0.76 4.03
CA HIS A 53 -14.92 0.22 3.29
C HIS A 53 -14.36 -0.42 2.02
N LEU A 54 -14.33 0.35 0.94
CA LEU A 54 -13.93 -0.19 -0.36
C LEU A 54 -12.47 0.04 -0.68
N ALA A 55 -11.86 1.10 -0.17
CA ALA A 55 -10.48 1.46 -0.45
C ALA A 55 -9.78 1.74 0.87
N LYS A 56 -8.50 2.12 0.79
CA LYS A 56 -7.68 2.25 1.99
C LYS A 56 -8.29 3.25 2.98
N ILE A 57 -8.11 2.93 4.25
CA ILE A 57 -8.64 3.73 5.35
C ILE A 57 -7.54 4.68 5.79
N TYR A 58 -7.75 5.98 5.56
CA TYR A 58 -6.72 6.94 5.91
C TYR A 58 -6.74 7.30 7.38
N ALA A 59 -7.93 7.42 7.96
CA ALA A 59 -8.05 7.92 9.33
C ALA A 59 -9.20 7.23 10.04
N MET A 60 -9.19 7.37 11.35
CA MET A 60 -10.28 6.94 12.19
C MET A 60 -10.22 7.71 13.50
N HIS A 61 -11.34 7.73 14.21
CA HIS A 61 -11.39 8.38 15.52
C HIS A 61 -12.56 7.79 16.28
N TRP A 62 -12.40 7.68 17.61
CA TRP A 62 -13.34 6.87 18.38
C TRP A 62 -14.63 7.64 18.70
N GLY A 63 -14.55 8.66 19.52
CA GLY A 63 -15.76 9.22 20.09
C GLY A 63 -15.83 8.85 21.55
N THR A 64 -16.24 9.78 22.39
CA THR A 64 -15.99 9.67 23.83
C THR A 64 -16.87 8.65 24.51
N ASP A 65 -17.60 7.79 23.82
CA ASP A 65 -18.35 6.71 24.44
C ASP A 65 -17.61 5.37 24.42
N SER A 66 -16.55 5.25 23.63
CA SER A 66 -15.74 4.04 23.47
C SER A 66 -16.50 2.93 22.78
N ARG A 67 -17.63 3.23 22.16
CA ARG A 67 -18.45 2.26 21.46
C ARG A 67 -18.58 2.59 19.98
N LEU A 68 -18.90 3.83 19.66
CA LEU A 68 -19.01 4.25 18.27
C LEU A 68 -17.66 4.72 17.77
N LEU A 69 -17.45 4.59 16.46
CA LEU A 69 -16.21 5.10 15.89
C LEU A 69 -16.45 5.49 14.45
N VAL A 70 -15.79 6.56 14.04
CA VAL A 70 -15.87 7.04 12.67
C VAL A 70 -14.59 6.66 11.96
N SER A 71 -14.72 6.29 10.70
CA SER A 71 -13.59 5.94 9.86
C SER A 71 -13.75 6.65 8.53
N ALA A 72 -12.62 7.04 7.96
CA ALA A 72 -12.56 7.77 6.71
C ALA A 72 -11.81 6.93 5.70
N SER A 73 -12.47 6.64 4.58
CA SER A 73 -11.88 5.83 3.54
C SER A 73 -11.91 6.61 2.25
N GLN A 74 -10.80 6.56 1.52
CA GLN A 74 -10.62 7.31 0.30
C GLN A 74 -11.39 6.72 -0.87
N ASP A 75 -12.23 5.72 -0.60
CA ASP A 75 -13.33 5.44 -1.49
C ASP A 75 -14.35 6.58 -1.46
N GLY A 76 -14.31 7.40 -0.40
CA GLY A 76 -15.15 8.56 -0.29
C GLY A 76 -16.24 8.35 0.73
N LYS A 77 -15.92 7.68 1.83
CA LYS A 77 -16.94 7.33 2.80
C LYS A 77 -16.49 7.67 4.20
N LEU A 78 -17.43 8.19 4.98
CA LEU A 78 -17.26 8.37 6.42
C LEU A 78 -18.24 7.42 7.07
N ILE A 79 -17.75 6.30 7.59
CA ILE A 79 -18.62 5.27 8.15
C ILE A 79 -18.55 5.35 9.66
N ILE A 80 -19.72 5.45 10.28
CA ILE A 80 -19.84 5.42 11.73
C ILE A 80 -20.32 4.02 12.10
N TRP A 81 -19.45 3.30 12.81
CA TRP A 81 -19.67 1.92 13.19
C TRP A 81 -19.99 1.84 14.67
N ASP A 82 -20.95 0.99 15.01
CA ASP A 82 -21.05 0.46 16.36
C ASP A 82 -20.03 -0.67 16.49
N SER A 83 -19.13 -0.56 17.44
CA SER A 83 -18.07 -1.55 17.59
C SER A 83 -18.54 -2.77 18.36
N TYR A 84 -19.56 -2.65 19.19
CA TYR A 84 -19.99 -3.79 19.99
C TYR A 84 -20.71 -4.81 19.13
N THR A 85 -21.50 -4.34 18.16
CA THR A 85 -22.31 -5.21 17.32
C THR A 85 -21.84 -5.20 15.87
N THR A 86 -20.73 -4.53 15.57
CA THR A 86 -20.19 -4.44 14.22
C THR A 86 -21.21 -3.90 13.24
N ASN A 87 -22.21 -3.17 13.73
CA ASN A 87 -23.24 -2.62 12.87
C ASN A 87 -22.85 -1.23 12.42
N LYS A 88 -23.16 -0.93 11.17
CA LYS A 88 -22.98 0.40 10.63
C LYS A 88 -24.12 1.29 11.10
N VAL A 89 -23.79 2.30 11.91
CA VAL A 89 -24.80 3.25 12.35
C VAL A 89 -25.06 4.29 11.27
N HIS A 90 -24.01 4.78 10.63
CA HIS A 90 -24.18 5.75 9.56
C HIS A 90 -23.17 5.48 8.46
N ALA A 91 -23.49 5.92 7.26
CA ALA A 91 -22.55 5.91 6.14
C ALA A 91 -22.74 7.21 5.38
N ILE A 92 -21.82 8.15 5.55
CA ILE A 92 -21.90 9.48 4.96
C ILE A 92 -21.11 9.44 3.64
N PRO A 93 -21.74 9.72 2.50
CA PRO A 93 -20.95 9.96 1.28
C PRO A 93 -20.34 11.35 1.31
N LEU A 94 -19.01 11.41 1.32
CA LEU A 94 -18.31 12.68 1.35
C LEU A 94 -18.29 13.31 -0.04
N ARG A 95 -18.29 14.64 -0.07
CA ARG A 95 -18.31 15.33 -1.35
C ARG A 95 -17.01 15.14 -2.11
N SER A 96 -15.89 15.06 -1.41
CA SER A 96 -14.60 14.80 -2.02
C SER A 96 -14.02 13.53 -1.41
N SER A 97 -13.51 12.65 -2.27
CA SER A 97 -13.16 11.32 -1.84
C SER A 97 -11.76 11.23 -1.22
N TRP A 98 -10.93 12.26 -1.40
CA TRP A 98 -9.54 12.20 -0.97
C TRP A 98 -9.59 12.86 0.40
N VAL A 99 -10.07 12.10 1.35
CA VAL A 99 -10.09 12.49 2.75
C VAL A 99 -8.86 11.90 3.42
N MET A 100 -8.23 12.68 4.29
CA MET A 100 -7.03 12.27 4.98
C MET A 100 -7.18 12.29 6.49
N THR A 101 -8.16 13.00 7.02
CA THR A 101 -8.39 13.07 8.45
C THR A 101 -9.90 13.03 8.71
N CYS A 102 -10.27 12.75 9.95
CA CYS A 102 -11.66 12.75 10.35
C CYS A 102 -11.72 12.81 11.87
N ALA A 103 -12.70 13.52 12.40
CA ALA A 103 -12.82 13.73 13.83
C ALA A 103 -14.25 13.50 14.29
N TYR A 104 -14.37 13.04 15.53
CA TYR A 104 -15.64 12.78 16.19
C TYR A 104 -15.77 13.74 17.36
N ALA A 105 -16.88 14.46 17.42
CA ALA A 105 -17.02 15.50 18.41
C ALA A 105 -17.21 14.90 19.80
N PRO A 106 -16.58 15.46 20.83
CA PRO A 106 -16.77 14.92 22.19
C PRO A 106 -18.22 14.88 22.66
N SER A 107 -19.13 15.56 21.99
CA SER A 107 -20.54 15.52 22.34
C SER A 107 -21.32 14.44 21.60
N GLY A 108 -20.79 13.97 20.48
CA GLY A 108 -21.43 12.95 19.68
C GLY A 108 -22.28 13.49 18.55
N ASN A 109 -22.53 14.80 18.51
CA ASN A 109 -23.50 15.35 17.58
C ASN A 109 -22.92 15.64 16.21
N TYR A 110 -21.62 15.85 16.09
CA TYR A 110 -21.01 16.23 14.84
C TYR A 110 -19.82 15.34 14.53
N VAL A 111 -19.52 15.23 13.25
CA VAL A 111 -18.25 14.69 12.80
C VAL A 111 -17.62 15.71 11.88
N ALA A 112 -16.32 15.55 11.65
CA ALA A 112 -15.57 16.45 10.80
C ALA A 112 -14.64 15.64 9.92
N CYS A 113 -14.40 16.13 8.71
CA CYS A 113 -13.47 15.43 7.83
C CYS A 113 -12.92 16.39 6.80
N GLY A 114 -11.77 16.04 6.24
CA GLY A 114 -11.16 16.85 5.22
C GLY A 114 -9.94 16.16 4.64
N GLY A 115 -9.39 16.76 3.59
CA GLY A 115 -8.28 16.16 2.89
C GLY A 115 -7.67 17.08 1.85
N LEU A 116 -7.45 16.56 0.66
CA LEU A 116 -6.86 17.35 -0.42
C LEU A 116 -7.75 18.48 -0.90
N ASP A 117 -8.94 18.67 -0.34
CA ASP A 117 -9.82 19.75 -0.73
C ASP A 117 -9.59 21.03 0.06
N ASN A 118 -8.71 21.00 1.07
CA ASN A 118 -8.36 22.17 1.85
C ASN A 118 -9.54 22.73 2.61
N ILE A 119 -10.55 21.91 2.88
CA ILE A 119 -11.74 22.30 3.62
C ILE A 119 -11.93 21.34 4.77
N CYS A 120 -12.44 21.83 5.88
CA CYS A 120 -12.89 20.97 6.97
C CYS A 120 -14.41 21.00 6.97
N SER A 121 -15.02 19.90 6.55
CA SER A 121 -16.48 19.77 6.52
C SER A 121 -16.96 19.25 7.86
N ILE A 122 -18.04 19.85 8.34
CA ILE A 122 -18.64 19.55 9.64
C ILE A 122 -20.04 19.02 9.37
N TYR A 123 -20.25 17.73 9.62
CA TYR A 123 -21.53 17.07 9.39
C TYR A 123 -22.28 16.91 10.70
N ASN A 124 -23.58 17.17 10.64
CA ASN A 124 -24.47 17.04 11.80
C ASN A 124 -25.08 15.65 11.82
N LEU A 125 -25.16 15.07 13.02
CA LEU A 125 -25.60 13.69 13.18
C LEU A 125 -26.99 13.53 13.75
N LYS A 126 -27.49 14.51 14.51
CA LYS A 126 -28.73 14.36 15.28
C LYS A 126 -29.65 15.53 14.95
N THR A 127 -30.45 15.36 13.90
CA THR A 127 -31.26 16.42 13.34
C THR A 127 -32.74 16.13 13.54
N ARG A 128 -33.58 17.01 12.98
CA ARG A 128 -35.03 16.84 13.06
C ARG A 128 -35.56 15.96 11.95
N GLU A 129 -34.90 15.95 10.79
CA GLU A 129 -35.28 15.10 9.69
C GLU A 129 -34.48 13.79 9.65
N GLY A 130 -33.82 13.44 10.75
CA GLY A 130 -33.26 12.13 10.95
C GLY A 130 -32.07 11.76 10.08
N ASN A 131 -31.80 12.48 9.00
CA ASN A 131 -30.69 12.18 8.11
C ASN A 131 -29.55 13.16 8.35
N VAL A 132 -28.33 12.64 8.37
CA VAL A 132 -27.16 13.47 8.62
C VAL A 132 -26.91 14.37 7.43
N ARG A 133 -26.75 15.66 7.69
CA ARG A 133 -26.50 16.65 6.65
C ARG A 133 -25.16 17.33 6.91
N VAL A 134 -24.72 18.09 5.90
CA VAL A 134 -23.58 18.99 6.10
C VAL A 134 -24.03 20.19 6.91
N SER A 135 -23.32 20.47 7.99
CA SER A 135 -23.65 21.61 8.85
C SER A 135 -22.77 22.82 8.56
N ARG A 136 -21.49 22.63 8.23
CA ARG A 136 -20.60 23.76 8.02
C ARG A 136 -19.44 23.33 7.14
N GLU A 137 -18.76 24.33 6.57
CA GLU A 137 -17.56 24.09 5.77
C GLU A 137 -16.54 25.17 6.10
N LEU A 138 -15.46 24.79 6.77
CA LEU A 138 -14.40 25.72 7.16
C LEU A 138 -13.38 25.80 6.03
N ALA A 139 -13.28 26.97 5.42
CA ALA A 139 -12.37 27.23 4.32
C ALA A 139 -11.37 28.32 4.73
N GLY A 140 -10.22 28.31 4.07
CA GLY A 140 -9.17 29.26 4.38
C GLY A 140 -7.77 28.69 4.30
N HIS A 141 -7.60 27.41 4.65
CA HIS A 141 -6.30 26.78 4.48
C HIS A 141 -5.92 26.75 3.00
N THR A 142 -4.62 26.81 2.75
CA THR A 142 -4.08 26.78 1.40
C THR A 142 -3.33 25.48 1.11
N GLY A 143 -3.45 24.49 1.98
CA GLY A 143 -2.89 23.17 1.75
C GLY A 143 -3.79 22.13 2.34
N TYR A 144 -3.55 20.88 1.97
CA TYR A 144 -4.45 19.80 2.36
C TYR A 144 -4.60 19.75 3.87
N LEU A 145 -5.79 19.36 4.32
CA LEU A 145 -6.04 19.12 5.74
C LEU A 145 -5.38 17.81 6.14
N SER A 146 -4.49 17.88 7.13
CA SER A 146 -3.82 16.69 7.60
C SER A 146 -4.38 16.18 8.93
N CYS A 147 -5.07 17.02 9.67
CA CYS A 147 -5.62 16.63 10.96
C CYS A 147 -6.55 17.73 11.44
N CYS A 148 -7.59 17.32 12.15
CA CYS A 148 -8.53 18.24 12.75
C CYS A 148 -8.97 17.64 14.07
N ARG A 149 -9.33 18.50 15.02
CA ARG A 149 -9.82 18.04 16.30
C ARG A 149 -10.82 19.03 16.86
N PHE A 150 -11.86 18.51 17.50
CA PHE A 150 -12.86 19.35 18.15
C PHE A 150 -12.37 19.76 19.52
N LEU A 151 -12.51 21.04 19.83
CA LEU A 151 -12.40 21.50 21.21
C LEU A 151 -13.74 21.43 21.92
N ASP A 152 -14.83 21.63 21.18
CA ASP A 152 -16.19 21.56 21.68
C ASP A 152 -17.09 21.66 20.46
N ASP A 153 -18.40 21.79 20.70
CA ASP A 153 -19.35 21.84 19.59
C ASP A 153 -19.06 22.98 18.62
N ASN A 154 -18.46 24.06 19.11
CA ASN A 154 -18.35 25.28 18.31
C ASN A 154 -16.95 25.56 17.80
N GLN A 155 -15.90 25.12 18.48
CA GLN A 155 -14.52 25.40 18.09
C GLN A 155 -13.84 24.14 17.55
N ILE A 156 -12.90 24.35 16.64
CA ILE A 156 -12.16 23.20 16.09
C ILE A 156 -10.76 23.67 15.65
N VAL A 157 -9.75 22.83 15.95
CA VAL A 157 -8.37 23.07 15.53
C VAL A 157 -8.07 22.22 14.31
N THR A 158 -7.19 22.71 13.43
CA THR A 158 -6.87 22.01 12.21
C THR A 158 -5.42 22.25 11.83
N SER A 159 -4.79 21.24 11.25
CA SER A 159 -3.44 21.33 10.72
C SER A 159 -3.45 21.10 9.23
N SER A 160 -2.55 21.76 8.52
CA SER A 160 -2.58 21.78 7.06
C SER A 160 -1.19 21.55 6.50
N GLY A 161 -1.16 21.19 5.22
CA GLY A 161 0.07 21.06 4.48
C GLY A 161 0.56 22.40 3.96
N ASP A 162 0.08 23.50 4.56
CA ASP A 162 0.60 24.83 4.28
C ASP A 162 1.44 25.35 5.45
N THR A 163 1.88 24.47 6.34
CA THR A 163 2.78 24.78 7.44
C THR A 163 2.11 25.60 8.53
N THR A 164 0.78 25.58 8.60
CA THR A 164 0.04 26.42 9.52
C THR A 164 -1.05 25.61 10.20
N CYS A 165 -1.36 25.96 11.44
CA CYS A 165 -2.51 25.45 12.13
C CYS A 165 -3.52 26.57 12.33
N ALA A 166 -4.79 26.19 12.48
CA ALA A 166 -5.86 27.19 12.56
C ALA A 166 -6.91 26.76 13.57
N LEU A 167 -7.31 27.71 14.40
CA LEU A 167 -8.43 27.54 15.33
C LEU A 167 -9.62 28.29 14.78
N TRP A 168 -10.74 27.58 14.60
CA TRP A 168 -11.94 28.10 14.00
C TRP A 168 -13.09 28.13 14.99
N ASP A 169 -13.97 29.11 14.78
CA ASP A 169 -15.32 29.14 15.31
C ASP A 169 -16.25 28.57 14.25
N ILE A 170 -17.10 27.62 14.63
CA ILE A 170 -17.89 26.90 13.64
C ILE A 170 -19.15 27.67 13.28
N GLU A 171 -19.80 28.29 14.26
CA GLU A 171 -21.04 29.03 13.99
C GLU A 171 -20.81 30.11 12.94
N THR A 172 -19.76 30.89 13.10
CA THR A 172 -19.43 31.95 12.15
C THR A 172 -18.51 31.49 11.03
N GLY A 173 -18.06 30.24 11.06
CA GLY A 173 -17.17 29.73 10.03
C GLY A 173 -15.91 30.56 9.90
N GLN A 174 -15.38 31.05 11.01
CA GLN A 174 -14.29 32.02 10.99
C GLN A 174 -13.03 31.44 11.61
N GLN A 175 -11.91 31.77 10.98
CA GLN A 175 -10.58 31.38 11.43
C GLN A 175 -10.15 32.37 12.51
N THR A 176 -10.47 32.05 13.76
CA THR A 176 -10.22 32.98 14.85
C THR A 176 -8.74 33.07 15.22
N THR A 177 -7.94 32.06 14.89
CA THR A 177 -6.52 32.15 15.22
C THR A 177 -5.68 31.34 14.24
N THR A 178 -4.56 31.91 13.81
CA THR A 178 -3.59 31.21 12.97
C THR A 178 -2.30 30.99 13.74
N PHE A 179 -1.70 29.82 13.56
CA PHE A 179 -0.49 29.40 14.24
C PHE A 179 0.57 29.11 13.20
N THR A 180 1.66 29.89 13.24
CA THR A 180 2.72 29.82 12.23
C THR A 180 4.07 29.62 12.91
N GLY A 181 5.01 29.11 12.12
CA GLY A 181 6.35 28.84 12.62
C GLY A 181 7.00 27.61 12.02
N HIS A 182 6.22 26.58 11.75
CA HIS A 182 6.77 25.41 11.07
C HIS A 182 7.24 25.81 9.68
N THR A 183 8.20 25.05 9.16
CA THR A 183 8.70 25.26 7.81
C THR A 183 8.44 24.07 6.90
N GLY A 184 7.85 22.99 7.41
CA GLY A 184 7.41 21.90 6.58
C GLY A 184 5.96 21.55 6.88
N ASP A 185 5.39 20.73 6.00
CA ASP A 185 4.00 20.28 6.14
C ASP A 185 3.73 19.79 7.55
N VAL A 186 2.74 20.38 8.20
CA VAL A 186 2.27 19.86 9.48
C VAL A 186 1.42 18.64 9.18
N MET A 187 1.82 17.50 9.74
CA MET A 187 1.19 16.23 9.39
C MET A 187 0.25 15.72 10.46
N SER A 188 0.37 16.21 11.69
CA SER A 188 -0.38 15.66 12.80
C SER A 188 -0.47 16.74 13.86
N LEU A 189 -1.61 16.78 14.55
CA LEU A 189 -1.77 17.61 15.73
C LEU A 189 -2.30 16.74 16.85
N SER A 190 -2.23 17.27 18.07
CA SER A 190 -2.68 16.53 19.24
C SER A 190 -3.03 17.53 20.32
N LEU A 191 -4.26 17.47 20.82
CA LEU A 191 -4.70 18.37 21.87
C LEU A 191 -4.29 17.82 23.22
N ALA A 192 -3.95 18.72 24.12
CA ALA A 192 -3.68 18.29 25.48
C ALA A 192 -4.99 18.09 26.23
N PRO A 193 -5.01 17.22 27.25
CA PRO A 193 -6.27 16.94 27.96
C PRO A 193 -6.93 18.18 28.54
N ASP A 194 -6.29 19.34 28.51
CA ASP A 194 -6.89 20.60 28.92
C ASP A 194 -7.47 21.38 27.75
N THR A 195 -7.13 21.01 26.52
CA THR A 195 -7.48 21.76 25.31
C THR A 195 -6.99 23.20 25.37
N ARG A 196 -6.01 23.49 26.22
CA ARG A 196 -5.40 24.81 26.28
C ARG A 196 -4.12 24.90 25.47
N LEU A 197 -3.41 23.80 25.29
CA LEU A 197 -2.22 23.74 24.46
C LEU A 197 -2.42 22.68 23.38
N PHE A 198 -1.53 22.68 22.40
CA PHE A 198 -1.48 21.54 21.49
C PHE A 198 -0.13 21.51 20.78
N VAL A 199 0.38 20.30 20.54
CA VAL A 199 1.63 20.09 19.84
C VAL A 199 1.31 19.71 18.40
N SER A 200 2.16 20.15 17.48
CA SER A 200 2.08 19.75 16.09
C SER A 200 3.44 19.28 15.62
N GLY A 201 3.43 18.33 14.69
CA GLY A 201 4.66 17.80 14.13
C GLY A 201 4.63 17.87 12.63
N ALA A 202 5.76 18.31 12.05
CA ALA A 202 5.79 18.70 10.65
C ALA A 202 6.90 17.96 9.92
N CYS A 203 7.01 18.25 8.63
CA CYS A 203 8.03 17.69 7.76
C CYS A 203 9.32 18.49 7.77
N ASP A 204 9.54 19.29 8.81
CA ASP A 204 10.84 19.92 9.07
C ASP A 204 11.59 19.20 10.16
N ALA A 205 11.11 18.04 10.60
CA ALA A 205 11.75 17.22 11.62
C ALA A 205 11.67 17.83 13.00
N SER A 206 10.68 18.69 13.26
CA SER A 206 10.54 19.30 14.57
C SER A 206 9.08 19.35 14.96
N ALA A 207 8.85 19.41 16.27
CA ALA A 207 7.52 19.58 16.84
C ALA A 207 7.45 20.91 17.56
N LYS A 208 6.28 21.53 17.54
CA LYS A 208 6.08 22.81 18.19
C LYS A 208 4.87 22.76 19.12
N LEU A 209 4.98 23.47 20.24
CA LEU A 209 3.92 23.58 21.23
C LEU A 209 3.26 24.94 21.10
N TRP A 210 1.92 24.96 21.08
CA TRP A 210 1.16 26.17 20.84
C TRP A 210 0.19 26.41 21.98
N ASP A 211 0.13 27.65 22.45
CA ASP A 211 -0.95 28.12 23.31
C ASP A 211 -2.16 28.44 22.45
N VAL A 212 -3.33 27.95 22.85
CA VAL A 212 -4.50 28.03 21.98
C VAL A 212 -5.13 29.41 21.99
N ARG A 213 -4.95 30.20 23.06
CA ARG A 213 -5.57 31.51 23.18
C ARG A 213 -4.64 32.64 22.75
N GLU A 214 -3.35 32.53 23.06
CA GLU A 214 -2.39 33.58 22.72
C GLU A 214 -1.82 33.45 21.32
N GLY A 215 -2.03 32.31 20.66
CA GLY A 215 -1.56 32.15 19.30
C GLY A 215 -0.06 32.21 19.14
N MET A 216 0.68 31.73 20.14
CA MET A 216 2.13 31.87 20.16
C MET A 216 2.77 30.51 20.35
N CYS A 217 3.81 30.24 19.58
CA CYS A 217 4.64 29.05 19.81
C CYS A 217 5.46 29.25 21.08
N ARG A 218 5.41 28.27 21.96
CA ARG A 218 6.10 28.35 23.24
C ARG A 218 7.39 27.55 23.31
N GLN A 219 7.45 26.40 22.62
CA GLN A 219 8.65 25.58 22.60
C GLN A 219 8.74 24.88 21.25
N THR A 220 9.97 24.69 20.80
CA THR A 220 10.27 23.88 19.62
C THR A 220 11.17 22.72 20.04
N PHE A 221 10.99 21.59 19.36
CA PHE A 221 11.66 20.34 19.70
C PHE A 221 12.24 19.74 18.43
N THR A 222 13.51 19.38 18.48
CA THR A 222 14.22 18.86 17.33
C THR A 222 15.06 17.68 17.78
N GLY A 223 15.38 16.80 16.84
CA GLY A 223 16.13 15.60 17.18
C GLY A 223 15.81 14.41 16.31
N HIS A 224 14.66 14.43 15.64
CA HIS A 224 14.42 13.48 14.58
C HIS A 224 15.26 13.84 13.37
N GLU A 225 15.40 12.90 12.45
CA GLU A 225 16.19 13.09 11.25
C GLU A 225 15.36 13.18 9.99
N SER A 226 14.05 13.04 10.08
CA SER A 226 13.18 13.09 8.91
C SER A 226 11.80 13.55 9.36
N ASP A 227 10.86 13.53 8.41
CA ASP A 227 9.51 14.01 8.66
C ASP A 227 8.89 13.32 9.87
N ILE A 228 8.19 14.11 10.68
CA ILE A 228 7.39 13.59 11.79
C ILE A 228 5.97 13.37 11.27
N ASN A 229 5.56 12.11 11.20
CA ASN A 229 4.27 11.77 10.62
C ASN A 229 3.16 11.68 11.65
N ALA A 230 3.50 11.49 12.92
CA ALA A 230 2.50 11.23 13.95
C ALA A 230 2.97 11.85 15.25
N ILE A 231 2.02 12.35 16.03
CA ILE A 231 2.31 12.95 17.33
C ILE A 231 1.12 12.71 18.23
N CYS A 232 1.40 12.38 19.49
CA CYS A 232 0.35 12.02 20.44
C CYS A 232 0.76 12.49 21.81
N PHE A 233 -0.09 13.27 22.45
CA PHE A 233 0.18 13.71 23.81
C PHE A 233 0.17 12.53 24.76
N PHE A 234 1.08 12.56 25.73
CA PHE A 234 1.05 11.60 26.81
C PHE A 234 -0.19 11.85 27.68
N PRO A 235 -0.74 10.78 28.30
CA PRO A 235 -1.95 10.95 29.12
C PRO A 235 -2.03 12.16 30.02
N ASN A 236 -0.91 12.65 30.56
CA ASN A 236 -0.96 13.72 31.54
C ASN A 236 -0.64 15.10 30.97
N GLY A 237 -0.15 15.18 29.73
CA GLY A 237 0.08 16.44 29.08
C GLY A 237 1.46 17.05 29.29
N ASN A 238 2.32 16.41 30.07
CA ASN A 238 3.64 16.95 30.35
C ASN A 238 4.72 16.42 29.41
N ALA A 239 4.34 15.65 28.41
CA ALA A 239 5.29 15.08 27.46
C ALA A 239 4.49 14.56 26.28
N PHE A 240 5.19 14.26 25.19
CA PHE A 240 4.54 13.76 24.00
C PHE A 240 5.51 12.87 23.24
N ALA A 241 4.98 12.17 22.25
CA ALA A 241 5.75 11.22 21.47
C ALA A 241 5.54 11.48 19.99
N THR A 242 6.62 11.46 19.24
CA THR A 242 6.61 11.68 17.80
C THR A 242 7.12 10.43 17.11
N GLY A 243 6.59 10.17 15.93
CA GLY A 243 7.06 9.05 15.12
C GLY A 243 7.40 9.54 13.73
N SER A 244 8.47 8.99 13.17
CA SER A 244 9.15 9.62 12.05
C SER A 244 9.46 8.62 10.96
N ASP A 245 9.88 9.16 9.80
CA ASP A 245 10.34 8.34 8.69
C ASP A 245 11.72 7.74 8.95
N ASP A 246 12.46 8.25 9.91
CA ASP A 246 13.76 7.70 10.25
C ASP A 246 13.65 6.40 11.03
N ALA A 247 12.46 5.81 11.08
CA ALA A 247 12.23 4.49 11.66
C ALA A 247 12.39 4.50 13.16
N THR A 248 12.14 5.64 13.79
CA THR A 248 12.23 5.76 15.23
C THR A 248 10.98 6.45 15.75
N CYS A 249 10.71 6.24 17.03
CA CYS A 249 9.83 7.09 17.79
C CYS A 249 10.68 7.81 18.85
N ARG A 250 10.24 8.99 19.26
CA ARG A 250 10.96 9.71 20.28
C ARG A 250 10.00 10.38 21.23
N LEU A 251 10.30 10.27 22.52
CA LEU A 251 9.52 10.88 23.59
C LEU A 251 10.24 12.14 24.05
N PHE A 252 9.53 13.27 23.96
CA PHE A 252 9.99 14.59 24.36
C PHE A 252 9.23 15.05 25.59
N ASP A 253 9.90 15.80 26.44
CA ASP A 253 9.31 16.37 27.64
C ASP A 253 9.11 17.87 27.47
N LEU A 254 8.03 18.39 28.04
CA LEU A 254 7.70 19.79 27.90
C LEU A 254 8.32 20.67 28.97
N ARG A 255 8.63 20.12 30.14
CA ARG A 255 9.27 20.89 31.20
C ARG A 255 10.78 20.73 31.21
N ALA A 256 11.32 19.77 30.44
CA ALA A 256 12.76 19.65 30.24
C ALA A 256 13.23 20.17 28.89
N ASP A 257 12.32 20.32 27.93
CA ASP A 257 12.66 20.77 26.58
C ASP A 257 13.69 19.87 25.90
N GLN A 258 13.77 18.61 26.31
CA GLN A 258 14.75 17.68 25.77
C GLN A 258 14.07 16.41 25.29
N GLU A 259 14.67 15.79 24.29
CA GLU A 259 14.29 14.43 23.91
C GLU A 259 14.62 13.50 25.07
N LEU A 260 13.61 12.81 25.57
CA LEU A 260 13.82 11.89 26.69
C LEU A 260 14.17 10.48 26.22
N MET A 261 13.54 10.01 25.15
CA MET A 261 13.67 8.59 24.82
C MET A 261 13.57 8.40 23.31
N THR A 262 14.14 7.29 22.85
CA THR A 262 14.08 6.89 21.44
C THR A 262 13.81 5.40 21.35
N TYR A 263 12.90 5.03 20.47
CA TYR A 263 12.45 3.66 20.27
C TYR A 263 12.79 3.25 18.86
N SER A 264 13.65 2.25 18.71
CA SER A 264 14.15 1.84 17.40
C SER A 264 14.86 0.50 17.54
N HIS A 265 14.89 -0.23 16.42
CA HIS A 265 15.64 -1.47 16.31
C HIS A 265 16.34 -1.49 14.95
N ASP A 266 17.46 -2.20 14.88
CA ASP A 266 18.14 -2.36 13.60
C ASP A 266 17.29 -3.12 12.60
N ASN A 267 16.49 -4.07 13.08
CA ASN A 267 15.58 -4.80 12.19
C ASN A 267 14.61 -3.84 11.49
N ILE A 268 14.22 -2.77 12.16
CA ILE A 268 13.17 -1.87 11.67
C ILE A 268 13.82 -0.83 10.77
N ILE A 269 13.40 -0.78 9.51
CA ILE A 269 13.94 0.18 8.56
C ILE A 269 12.80 0.82 7.78
N CYS A 270 11.61 0.82 8.34
CA CYS A 270 10.46 1.48 7.75
C CYS A 270 10.03 2.65 8.63
N GLY A 271 9.11 3.45 8.11
CA GLY A 271 8.65 4.63 8.83
C GLY A 271 7.53 4.34 9.81
N ILE A 272 7.34 5.28 10.73
CA ILE A 272 6.24 5.26 11.68
C ILE A 272 5.10 6.09 11.11
N THR A 273 3.92 5.48 10.96
CA THR A 273 2.76 6.13 10.37
C THR A 273 1.81 6.70 11.40
N SER A 274 1.73 6.11 12.59
CA SER A 274 0.78 6.53 13.60
C SER A 274 1.29 6.10 14.95
N VAL A 275 0.86 6.81 15.99
CA VAL A 275 1.17 6.47 17.37
C VAL A 275 -0.01 6.81 18.25
N SER A 276 -0.03 6.20 19.43
CA SER A 276 -1.05 6.44 20.43
C SER A 276 -0.62 5.73 21.69
N PHE A 277 -0.96 6.31 22.82
CA PHE A 277 -0.64 5.70 24.09
C PHE A 277 -1.81 4.84 24.58
N SER A 278 -1.51 3.97 25.54
CA SER A 278 -2.55 3.30 26.29
C SER A 278 -3.15 4.28 27.29
N LYS A 279 -4.08 3.81 28.11
CA LYS A 279 -4.75 4.70 29.02
C LYS A 279 -3.82 5.19 30.12
N SER A 280 -2.88 4.35 30.58
CA SER A 280 -1.93 4.75 31.59
C SER A 280 -0.67 5.33 31.00
N GLY A 281 -0.35 5.01 29.75
CA GLY A 281 0.76 5.60 29.06
C GLY A 281 2.06 4.84 29.11
N ARG A 282 2.05 3.60 29.61
CA ARG A 282 3.28 2.82 29.61
C ARG A 282 3.48 2.02 28.34
N LEU A 283 2.42 1.78 27.58
CA LEU A 283 2.55 1.16 26.27
C LEU A 283 2.41 2.23 25.20
N LEU A 284 3.25 2.12 24.18
CA LEU A 284 3.23 3.03 23.04
C LEU A 284 3.00 2.20 21.81
N LEU A 285 1.87 2.43 21.14
CA LEU A 285 1.50 1.64 19.98
C LEU A 285 1.86 2.43 18.74
N ALA A 286 2.69 1.84 17.88
CA ALA A 286 3.16 2.52 16.69
C ALA A 286 2.85 1.66 15.47
N GLY A 287 2.10 2.21 14.52
CA GLY A 287 1.89 1.54 13.26
C GLY A 287 3.02 1.86 12.31
N TYR A 288 3.39 0.87 11.50
CA TYR A 288 4.55 0.96 10.62
C TYR A 288 4.15 0.71 9.17
N ASP A 289 5.09 1.01 8.29
CA ASP A 289 4.89 0.80 6.87
C ASP A 289 5.12 -0.65 6.45
N ASP A 290 5.68 -1.48 7.33
CA ASP A 290 5.88 -2.89 7.07
C ASP A 290 4.68 -3.72 7.50
N PHE A 291 3.49 -3.13 7.49
CA PHE A 291 2.21 -3.80 7.66
C PHE A 291 1.98 -4.26 9.08
N ASN A 292 2.76 -3.78 10.04
CA ASN A 292 2.69 -4.25 11.41
C ASN A 292 2.46 -3.07 12.34
N CYS A 293 2.17 -3.40 13.59
CA CYS A 293 2.09 -2.43 14.66
C CYS A 293 2.93 -2.94 15.82
N ASN A 294 3.94 -2.18 16.21
CA ASN A 294 4.80 -2.59 17.30
C ASN A 294 4.33 -1.93 18.59
N VAL A 295 4.43 -2.68 19.68
CA VAL A 295 4.02 -2.23 21.00
C VAL A 295 5.29 -2.06 21.79
N TRP A 296 5.64 -0.81 22.08
CA TRP A 296 6.85 -0.44 22.79
C TRP A 296 6.55 -0.24 24.26
N ASP A 297 7.47 -0.70 25.10
CA ASP A 297 7.46 -0.38 26.53
C ASP A 297 8.00 1.03 26.67
N ALA A 298 7.09 2.00 26.70
CA ALA A 298 7.47 3.41 26.58
C ALA A 298 8.39 3.87 27.69
N LEU A 299 8.63 3.05 28.72
CA LEU A 299 9.55 3.38 29.80
C LEU A 299 10.86 2.63 29.72
N LYS A 300 10.87 1.44 29.11
CA LYS A 300 12.09 0.67 28.93
C LYS A 300 12.61 0.74 27.51
N ALA A 301 11.79 1.16 26.55
CA ALA A 301 12.19 1.27 25.15
C ALA A 301 12.48 -0.08 24.54
N ASP A 302 11.93 -1.14 25.13
CA ASP A 302 12.01 -2.48 24.57
C ASP A 302 10.70 -2.80 23.89
N ARG A 303 10.78 -3.38 22.69
CA ARG A 303 9.58 -3.69 21.94
C ARG A 303 8.82 -4.80 22.65
N ALA A 304 7.62 -4.48 23.14
CA ALA A 304 6.88 -5.39 24.00
C ALA A 304 5.97 -6.33 23.24
N GLY A 305 5.63 -6.01 22.00
CA GLY A 305 4.72 -6.90 21.29
C GLY A 305 4.50 -6.47 19.85
N VAL A 306 3.64 -7.23 19.18
CA VAL A 306 3.35 -7.03 17.78
C VAL A 306 1.86 -7.27 17.54
N LEU A 307 1.28 -6.49 16.63
CA LEU A 307 -0.01 -6.76 16.01
C LEU A 307 0.24 -6.90 14.52
N ALA A 308 0.00 -8.09 13.98
CA ALA A 308 0.46 -8.48 12.66
C ALA A 308 -0.62 -8.97 11.72
N GLY A 309 -1.83 -8.42 11.82
CA GLY A 309 -2.95 -8.92 11.03
C GLY A 309 -3.41 -8.03 9.90
N HIS A 310 -2.51 -7.31 9.25
CA HIS A 310 -2.86 -6.48 8.11
C HIS A 310 -1.97 -6.84 6.94
N ASP A 311 -2.55 -6.77 5.74
CA ASP A 311 -1.84 -7.11 4.52
C ASP A 311 -1.23 -5.90 3.85
N ASN A 312 -1.46 -4.70 4.35
CA ASN A 312 -0.95 -3.49 3.74
C ASN A 312 -0.57 -2.53 4.86
N ARG A 313 -0.26 -1.31 4.47
CA ARG A 313 0.26 -0.30 5.40
C ARG A 313 -0.75 0.04 6.49
N VAL A 314 -0.34 -0.16 7.74
CA VAL A 314 -1.12 0.34 8.88
C VAL A 314 -1.12 1.87 8.83
N SER A 315 -2.31 2.45 8.66
CA SER A 315 -2.42 3.89 8.42
C SER A 315 -2.88 4.69 9.63
N CYS A 316 -3.62 4.10 10.55
CA CYS A 316 -4.19 4.85 11.65
C CYS A 316 -4.34 3.95 12.86
N LEU A 317 -3.93 4.46 14.02
CA LEU A 317 -4.20 3.84 15.30
C LEU A 317 -5.28 4.62 16.04
N GLY A 318 -5.80 4.02 17.09
CA GLY A 318 -6.70 4.70 17.98
C GLY A 318 -7.00 3.86 19.19
N VAL A 319 -6.91 4.44 20.37
CA VAL A 319 -7.23 3.76 21.61
C VAL A 319 -8.49 4.39 22.18
N THR A 320 -9.35 3.56 22.76
CA THR A 320 -10.61 4.04 23.30
C THR A 320 -10.34 4.95 24.49
N ASP A 321 -11.23 5.92 24.66
CA ASP A 321 -11.14 6.82 25.80
C ASP A 321 -10.98 6.05 27.11
N ASP A 322 -11.63 4.89 27.22
CA ASP A 322 -11.59 4.08 28.43
C ASP A 322 -10.56 2.97 28.38
N GLY A 323 -9.86 2.80 27.26
CA GLY A 323 -8.74 1.89 27.18
C GLY A 323 -9.08 0.44 26.94
N MET A 324 -10.30 0.13 26.52
CA MET A 324 -10.68 -1.27 26.34
C MET A 324 -10.10 -1.85 25.06
N ALA A 325 -10.27 -1.17 23.93
CA ALA A 325 -9.89 -1.73 22.64
C ALA A 325 -8.95 -0.80 21.90
N VAL A 326 -8.19 -1.40 20.99
CA VAL A 326 -7.34 -0.67 20.05
C VAL A 326 -7.94 -0.84 18.67
N ALA A 327 -7.97 0.23 17.89
CA ALA A 327 -8.46 0.19 16.53
C ALA A 327 -7.29 0.42 15.59
N THR A 328 -7.16 -0.44 14.59
CA THR A 328 -6.17 -0.27 13.55
C THR A 328 -6.87 -0.21 12.21
N GLY A 329 -6.64 0.86 11.47
CA GLY A 329 -7.00 0.91 10.07
C GLY A 329 -5.77 0.66 9.23
N SER A 330 -6.00 0.43 7.94
CA SER A 330 -4.92 -0.01 7.09
C SER A 330 -5.28 0.24 5.64
N TRP A 331 -4.28 0.10 4.79
CA TRP A 331 -4.48 0.22 3.36
C TRP A 331 -5.09 -1.02 2.74
N ASP A 332 -5.23 -2.10 3.51
CA ASP A 332 -6.00 -3.26 3.08
C ASP A 332 -7.51 -3.04 3.16
N SER A 333 -7.95 -1.88 3.64
CA SER A 333 -9.37 -1.48 3.62
C SER A 333 -10.17 -2.21 4.67
N PHE A 334 -9.57 -2.48 5.81
CA PHE A 334 -10.25 -3.13 6.92
C PHE A 334 -9.95 -2.36 8.19
N LEU A 335 -10.82 -2.48 9.17
CA LEU A 335 -10.48 -2.06 10.52
C LEU A 335 -10.42 -3.30 11.40
N LYS A 336 -9.47 -3.33 12.32
CA LYS A 336 -9.35 -4.44 13.25
C LYS A 336 -9.38 -3.90 14.66
N ILE A 337 -10.22 -4.50 15.50
CA ILE A 337 -10.32 -4.14 16.90
C ILE A 337 -9.60 -5.23 17.69
N TRP A 338 -8.61 -4.79 18.48
CA TRP A 338 -7.68 -5.65 19.18
C TRP A 338 -7.85 -5.48 20.68
N ASN A 339 -7.71 -6.58 21.41
CA ASN A 339 -7.69 -6.56 22.88
C ASN A 339 -6.55 -7.40 23.42
N ALA B 1 18.37 20.31 21.92
CA ALA B 1 18.85 18.93 21.59
C ALA B 1 19.62 18.95 20.27
N ALA B 2 19.83 17.78 19.68
CA ALA B 2 20.51 17.69 18.41
C ALA B 2 19.66 18.33 17.31
N GLN B 3 20.20 18.35 16.10
CA GLN B 3 19.53 18.98 14.97
C GLN B 3 20.25 18.58 13.70
N VAL B 4 19.55 18.70 12.58
CA VAL B 4 20.08 18.30 11.28
C VAL B 4 20.82 19.49 10.69
N GLN B 5 22.15 19.41 10.64
CA GLN B 5 22.97 20.51 10.15
C GLN B 5 23.81 20.06 8.96
N LEU B 6 23.90 20.94 7.97
CA LEU B 6 24.70 20.72 6.76
C LEU B 6 25.47 22.01 6.50
N GLN B 7 26.74 22.04 6.89
CA GLN B 7 27.55 23.26 6.83
C GLN B 7 28.53 23.17 5.67
N GLU B 8 28.32 24.00 4.66
CA GLU B 8 29.22 24.07 3.53
C GLU B 8 30.44 24.92 3.86
N SER B 9 31.57 24.60 3.23
CA SER B 9 32.76 25.42 3.32
C SER B 9 33.63 25.16 2.10
N GLY B 10 34.69 25.95 1.98
CA GLY B 10 35.61 25.79 0.88
C GLY B 10 35.32 26.63 -0.33
N GLY B 11 34.34 27.52 -0.27
CA GLY B 11 33.98 28.36 -1.39
C GLY B 11 34.64 29.72 -1.31
N GLY B 12 35.09 30.21 -2.45
CA GLY B 12 35.72 31.51 -2.50
C GLY B 12 35.88 31.96 -3.92
N LEU B 13 36.73 32.98 -4.12
CA LEU B 13 37.02 33.43 -5.46
C LEU B 13 37.94 32.44 -6.14
N VAL B 14 37.96 32.51 -7.48
CA VAL B 14 38.77 31.60 -8.28
C VAL B 14 38.79 32.14 -9.70
N GLN B 15 39.89 31.93 -10.39
CA GLN B 15 40.01 32.45 -11.73
C GLN B 15 39.36 31.50 -12.73
N PRO B 16 38.94 32.01 -13.89
CA PRO B 16 38.30 31.13 -14.88
C PRO B 16 39.23 30.00 -15.29
N GLY B 17 38.78 28.77 -15.04
CA GLY B 17 39.59 27.59 -15.22
C GLY B 17 40.22 27.07 -13.94
N GLY B 18 40.09 27.80 -12.83
CA GLY B 18 40.71 27.40 -11.58
C GLY B 18 40.11 26.16 -10.99
N SER B 19 40.32 25.93 -9.69
CA SER B 19 39.84 24.70 -9.07
C SER B 19 39.62 24.92 -7.58
N LEU B 20 38.54 24.33 -7.07
CA LEU B 20 38.15 24.44 -5.68
C LEU B 20 37.65 23.09 -5.19
N ARG B 21 37.60 22.94 -3.88
CA ARG B 21 37.10 21.72 -3.25
C ARG B 21 36.12 22.11 -2.16
N LEU B 22 34.83 21.90 -2.42
CA LEU B 22 33.79 22.23 -1.46
C LEU B 22 33.62 21.08 -0.47
N SER B 23 33.56 21.43 0.81
CA SER B 23 33.53 20.46 1.90
C SER B 23 32.30 20.73 2.74
N CYS B 24 31.36 19.79 2.74
CA CYS B 24 30.13 19.90 3.50
C CYS B 24 30.23 18.97 4.71
N ALA B 25 30.27 19.57 5.89
CA ALA B 25 30.19 18.82 7.13
C ALA B 25 28.73 18.56 7.46
N ALA B 26 28.48 17.41 8.08
CA ALA B 26 27.12 16.96 8.35
C ALA B 26 27.00 16.57 9.81
N SER B 27 25.82 16.81 10.37
CA SER B 27 25.57 16.46 11.76
C SER B 27 24.07 16.23 11.95
N GLY B 28 23.75 15.42 12.96
CA GLY B 28 22.39 15.18 13.35
C GLY B 28 21.81 13.87 12.87
N PHE B 29 22.42 13.25 11.87
CA PHE B 29 21.93 12.00 11.33
C PHE B 29 23.08 11.03 11.10
N THR B 30 22.72 9.77 10.84
CA THR B 30 23.71 8.77 10.43
C THR B 30 23.99 9.02 8.96
N PHE B 31 25.17 9.57 8.68
CA PHE B 31 25.48 10.06 7.34
C PHE B 31 25.38 8.97 6.29
N SER B 32 25.56 7.71 6.67
CA SER B 32 25.67 6.62 5.70
C SER B 32 24.31 6.15 5.18
N ASN B 33 23.27 6.19 6.01
CA ASN B 33 21.96 5.70 5.60
C ASN B 33 21.30 6.58 4.56
N TYR B 34 21.87 7.72 4.22
CA TYR B 34 21.20 8.72 3.41
C TYR B 34 21.96 8.93 2.11
N LYS B 35 21.21 9.18 1.05
CA LYS B 35 21.77 9.62 -0.22
C LYS B 35 21.98 11.13 -0.17
N MET B 36 23.06 11.61 -0.79
CA MET B 36 23.46 13.01 -0.68
C MET B 36 23.46 13.68 -2.04
N ASN B 37 23.23 15.00 -2.03
CA ASN B 37 23.09 15.79 -3.25
C ASN B 37 23.86 17.09 -3.10
N TRP B 38 24.33 17.59 -4.24
CA TRP B 38 24.79 18.96 -4.39
C TRP B 38 23.81 19.69 -5.30
N VAL B 39 23.27 20.81 -4.80
CA VAL B 39 22.38 21.68 -5.55
C VAL B 39 22.99 23.07 -5.50
N ARG B 40 22.62 23.91 -6.47
CA ARG B 40 23.14 25.26 -6.52
C ARG B 40 22.06 26.23 -6.95
N GLN B 41 22.34 27.51 -6.77
CA GLN B 41 21.44 28.58 -7.20
C GLN B 41 22.28 29.78 -7.59
N ALA B 42 22.12 30.24 -8.82
CA ALA B 42 22.83 31.38 -9.37
C ALA B 42 21.99 32.64 -9.21
N PRO B 43 22.56 33.80 -9.52
CA PRO B 43 21.78 35.03 -9.44
C PRO B 43 20.54 34.98 -10.32
N GLY B 44 19.38 35.17 -9.70
CA GLY B 44 18.13 35.21 -10.43
C GLY B 44 17.77 33.90 -11.09
N LYS B 45 17.80 32.81 -10.33
CA LYS B 45 17.52 31.49 -10.87
C LYS B 45 16.89 30.63 -9.79
N GLY B 46 16.16 29.60 -10.24
CA GLY B 46 15.65 28.61 -9.33
C GLY B 46 16.78 27.78 -8.77
N LEU B 47 16.39 26.76 -8.00
CA LEU B 47 17.35 25.80 -7.49
C LEU B 47 17.60 24.72 -8.53
N GLU B 48 18.84 24.25 -8.59
CA GLU B 48 19.26 23.25 -9.57
C GLU B 48 19.89 22.09 -8.84
N TRP B 49 19.52 20.88 -9.22
CA TRP B 49 20.23 19.68 -8.79
C TRP B 49 21.50 19.55 -9.62
N VAL B 50 22.63 19.36 -8.94
CA VAL B 50 23.93 19.28 -9.59
C VAL B 50 24.46 17.86 -9.59
N SER B 51 24.47 17.21 -8.43
CA SER B 51 25.10 15.90 -8.34
C SER B 51 24.47 15.11 -7.21
N ASP B 52 24.57 13.79 -7.29
CA ASP B 52 24.13 12.95 -6.19
C ASP B 52 25.03 11.73 -6.07
N ILE B 53 25.16 11.25 -4.83
CA ILE B 53 25.95 10.08 -4.48
C ILE B 53 25.14 9.25 -3.48
N SER B 54 25.33 7.94 -3.53
CA SER B 54 24.47 7.00 -2.82
C SER B 54 25.13 6.48 -1.54
N GLN B 55 24.29 5.89 -0.69
CA GLN B 55 24.67 5.51 0.67
C GLN B 55 26.06 4.90 0.74
N SER B 56 26.35 3.95 -0.15
CA SER B 56 27.65 3.31 -0.17
C SER B 56 28.72 4.26 -0.70
N GLY B 57 28.55 4.73 -1.93
CA GLY B 57 29.51 5.61 -2.55
C GLY B 57 29.86 5.20 -3.96
N ALA B 58 29.12 4.23 -4.50
CA ALA B 58 29.37 3.70 -5.84
C ALA B 58 28.46 4.33 -6.88
N SER B 59 27.15 4.25 -6.67
CA SER B 59 26.22 4.93 -7.56
C SER B 59 26.45 6.43 -7.50
N ILE B 60 26.57 7.04 -8.67
CA ILE B 60 26.87 8.46 -8.79
C ILE B 60 26.10 9.00 -9.98
N SER B 61 25.59 10.22 -9.85
CA SER B 61 24.87 10.85 -10.94
C SER B 61 25.23 12.33 -11.00
N TYR B 62 25.23 12.84 -12.22
CA TYR B 62 25.63 14.21 -12.52
C TYR B 62 24.60 14.87 -13.40
N THR B 63 24.45 16.17 -13.23
CA THR B 63 23.86 16.98 -14.28
C THR B 63 24.84 17.06 -15.44
N GLY B 64 24.31 17.21 -16.64
CA GLY B 64 25.14 17.08 -17.82
C GLY B 64 26.27 18.09 -17.90
N SER B 65 26.07 19.29 -17.34
CA SER B 65 27.01 20.38 -17.59
C SER B 65 28.27 20.27 -16.74
N VAL B 66 28.26 19.46 -15.70
CA VAL B 66 29.42 19.32 -14.82
C VAL B 66 30.05 17.93 -14.92
N LYS B 67 29.73 17.18 -15.97
CA LYS B 67 30.30 15.85 -16.15
C LYS B 67 31.68 15.96 -16.79
N GLY B 68 32.65 15.25 -16.21
CA GLY B 68 34.03 15.40 -16.58
C GLY B 68 34.77 16.48 -15.83
N ARG B 69 34.05 17.40 -15.18
CA ARG B 69 34.62 18.52 -14.47
C ARG B 69 34.48 18.41 -12.96
N PHE B 70 33.34 17.96 -12.46
CA PHE B 70 33.07 17.89 -11.03
C PHE B 70 33.10 16.45 -10.57
N THR B 71 33.53 16.26 -9.33
CA THR B 71 33.68 14.91 -8.75
C THR B 71 33.10 14.94 -7.35
N ILE B 72 31.99 14.26 -7.15
CA ILE B 72 31.38 14.14 -5.83
C ILE B 72 32.00 12.96 -5.12
N SER B 73 32.21 13.10 -3.82
CA SER B 73 32.76 12.02 -3.03
C SER B 73 32.21 12.12 -1.61
N ARG B 74 32.27 10.99 -0.92
CA ARG B 74 31.69 10.83 0.40
C ARG B 74 32.76 10.24 1.30
N ASP B 75 32.76 10.65 2.57
CA ASP B 75 33.64 10.06 3.58
C ASP B 75 32.77 9.78 4.81
N ASN B 76 32.35 8.52 4.96
CA ASN B 76 31.52 8.14 6.10
C ASN B 76 32.32 8.09 7.38
N ALA B 77 33.64 7.93 7.30
CA ALA B 77 34.47 8.02 8.50
C ALA B 77 34.36 9.40 9.11
N LYS B 78 34.68 10.44 8.32
CA LYS B 78 34.67 11.81 8.78
C LYS B 78 33.40 12.55 8.38
N ASN B 79 32.31 11.83 8.10
CA ASN B 79 30.99 12.42 7.90
C ASN B 79 31.01 13.55 6.89
N THR B 80 31.96 13.56 5.98
CA THR B 80 32.13 14.69 5.08
C THR B 80 31.59 14.37 3.69
N LEU B 81 31.16 15.41 3.00
CA LEU B 81 30.85 15.32 1.59
C LEU B 81 31.77 16.28 0.86
N TYR B 82 32.25 15.90 -0.31
CA TYR B 82 33.17 16.71 -1.07
C TYR B 82 32.66 16.86 -2.48
N LEU B 83 32.88 18.04 -3.05
CA LEU B 83 32.77 18.25 -4.49
C LEU B 83 34.07 18.88 -4.96
N GLN B 84 34.81 18.16 -5.80
CA GLN B 84 35.99 18.72 -6.44
C GLN B 84 35.55 19.34 -7.76
N MET B 85 36.00 20.57 -8.00
CA MET B 85 35.62 21.32 -9.19
C MET B 85 36.89 21.84 -9.85
N ASN B 86 37.15 21.40 -11.06
CA ASN B 86 38.29 21.88 -11.84
C ASN B 86 37.83 22.21 -13.26
N SER B 87 38.65 22.98 -13.96
CA SER B 87 38.27 23.56 -15.25
C SER B 87 37.01 24.40 -15.11
N LEU B 88 36.95 25.18 -14.02
CA LEU B 88 35.77 25.98 -13.73
C LEU B 88 35.52 27.01 -14.82
N LYS B 89 34.23 27.24 -15.10
CA LYS B 89 33.80 28.28 -16.03
C LYS B 89 33.01 29.35 -15.28
N PRO B 90 32.92 30.57 -15.84
CA PRO B 90 32.22 31.64 -15.11
C PRO B 90 30.78 31.31 -14.80
N GLU B 91 30.11 30.54 -15.64
CA GLU B 91 28.70 30.17 -15.45
C GLU B 91 28.50 29.20 -14.29
N ASP B 92 29.51 28.94 -13.48
CA ASP B 92 29.37 28.19 -12.25
C ASP B 92 29.19 29.09 -11.04
N THR B 93 29.46 30.37 -11.17
CA THR B 93 29.32 31.31 -10.07
C THR B 93 27.94 31.16 -9.44
N ALA B 94 27.90 30.80 -8.16
CA ALA B 94 26.62 30.52 -7.52
C ALA B 94 26.76 30.21 -6.05
N VAL B 95 25.64 29.97 -5.38
CA VAL B 95 25.63 29.43 -4.02
C VAL B 95 25.43 27.94 -4.15
N TYR B 96 26.19 27.18 -3.35
CA TYR B 96 26.19 25.73 -3.41
C TYR B 96 25.73 25.19 -2.07
N TYR B 97 24.64 24.44 -2.09
CA TYR B 97 24.09 23.78 -0.93
C TYR B 97 24.30 22.28 -1.04
N CYS B 98 24.58 21.65 0.09
CA CYS B 98 24.55 20.20 0.18
C CYS B 98 23.20 19.80 0.75
N ALA B 99 22.47 18.97 0.01
CA ALA B 99 21.16 18.51 0.40
C ALA B 99 21.21 17.03 0.74
N ARG B 100 20.26 16.61 1.57
CA ARG B 100 20.10 15.23 1.96
C ARG B 100 18.82 14.69 1.34
N CYS B 101 18.70 13.40 1.27
CA CYS B 101 17.38 12.92 0.90
C CYS B 101 16.49 12.84 2.13
N PRO B 102 15.18 13.05 1.98
CA PRO B 102 14.32 13.10 3.18
C PRO B 102 14.37 11.84 4.03
N ALA B 103 14.22 10.66 3.41
CA ALA B 103 14.10 9.44 4.19
C ALA B 103 15.29 8.52 3.96
N PRO B 104 15.73 7.78 4.98
CA PRO B 104 16.86 6.88 4.82
C PRO B 104 16.46 5.56 4.17
N PHE B 105 17.47 4.91 3.58
CA PHE B 105 17.31 3.58 3.01
C PHE B 105 16.37 3.58 1.80
N THR B 106 16.30 4.70 1.09
CA THR B 106 15.36 4.83 -0.01
C THR B 106 16.12 5.13 -1.29
N ARG B 107 15.48 4.83 -2.42
CA ARG B 107 16.06 5.11 -3.71
C ARG B 107 15.46 6.35 -4.36
N ASP B 108 14.31 6.80 -3.89
CA ASP B 108 13.70 8.03 -4.36
C ASP B 108 14.14 9.19 -3.47
N CYS B 109 14.27 10.37 -4.07
CA CYS B 109 14.73 11.57 -3.38
C CYS B 109 13.82 12.72 -3.79
N PHE B 110 12.75 12.93 -3.02
CA PHE B 110 11.77 13.96 -3.28
C PHE B 110 12.17 15.27 -2.63
N ASP B 111 11.97 16.37 -3.36
CA ASP B 111 11.85 17.71 -2.78
C ASP B 111 13.18 18.31 -2.33
N VAL B 112 14.29 18.00 -3.03
CA VAL B 112 15.57 18.58 -2.64
C VAL B 112 15.84 19.92 -3.30
N THR B 113 14.95 20.39 -4.16
CA THR B 113 15.10 21.66 -4.85
C THR B 113 13.88 22.55 -4.65
N SER B 114 13.22 22.44 -3.51
CA SER B 114 11.86 22.95 -3.35
C SER B 114 11.79 24.41 -2.92
N THR B 115 12.90 25.07 -2.65
CA THR B 115 12.97 26.44 -2.15
C THR B 115 12.63 26.54 -0.68
N THR B 116 12.15 25.46 -0.05
CA THR B 116 11.87 25.46 1.38
C THR B 116 12.33 24.20 2.08
N TYR B 117 12.90 23.24 1.36
CA TYR B 117 13.35 21.98 1.93
C TYR B 117 14.12 22.20 3.22
N ALA B 118 13.85 21.35 4.22
CA ALA B 118 14.38 21.58 5.55
C ALA B 118 15.78 21.02 5.74
N TYR B 119 16.14 19.95 5.04
CA TYR B 119 17.40 19.25 5.25
C TYR B 119 18.50 19.72 4.31
N ARG B 120 18.48 20.99 3.95
CA ARG B 120 19.51 21.62 3.13
C ARG B 120 20.44 22.43 4.02
N GLY B 121 21.56 22.86 3.46
CA GLY B 121 22.47 23.75 4.14
C GLY B 121 22.27 25.19 3.72
N GLN B 122 23.02 26.08 4.37
CA GLN B 122 22.93 27.50 4.08
C GLN B 122 23.78 27.93 2.89
N GLY B 123 24.76 27.12 2.52
CA GLY B 123 25.43 27.27 1.25
C GLY B 123 26.80 27.91 1.38
N THR B 124 27.58 27.80 0.29
CA THR B 124 28.87 28.45 0.16
C THR B 124 28.91 29.16 -1.19
N GLN B 125 29.60 30.29 -1.24
CA GLN B 125 29.65 31.09 -2.44
C GLN B 125 30.83 30.70 -3.32
N VAL B 126 30.61 30.72 -4.63
CA VAL B 126 31.65 30.47 -5.62
C VAL B 126 31.57 31.58 -6.64
N THR B 127 32.69 32.25 -6.90
CA THR B 127 32.72 33.41 -7.79
C THR B 127 33.91 33.27 -8.73
N VAL B 128 33.62 32.90 -9.98
CA VAL B 128 34.64 32.72 -11.01
C VAL B 128 34.64 33.98 -11.86
N SER B 129 35.73 34.75 -11.80
CA SER B 129 35.84 35.99 -12.57
C SER B 129 37.27 36.49 -12.45
N SER B 130 37.53 37.65 -13.05
CA SER B 130 38.85 38.24 -13.07
C SER B 130 39.49 38.23 -11.70
N GLU C 19 -34.25 -2.48 20.69
CA GLU C 19 -33.41 -1.57 19.94
C GLU C 19 -32.54 -2.30 18.92
N GLU C 20 -32.12 -3.53 19.25
CA GLU C 20 -31.28 -4.28 18.32
C GLU C 20 -32.01 -4.56 17.02
N LYS C 21 -33.34 -4.67 17.06
CA LYS C 21 -34.10 -4.83 15.83
C LYS C 21 -33.97 -3.60 14.94
N GLY C 22 -34.13 -2.41 15.54
CA GLY C 22 -33.91 -1.20 14.77
C GLY C 22 -32.49 -1.09 14.24
N GLN C 23 -31.52 -1.52 15.04
CA GLN C 23 -30.13 -1.53 14.56
C GLN C 23 -30.00 -2.41 13.33
N ARG C 24 -30.57 -3.61 13.38
CA ARG C 24 -30.47 -4.51 12.24
C ARG C 24 -31.19 -3.94 11.02
N GLU C 25 -32.32 -3.27 11.25
CA GLU C 25 -33.03 -2.60 10.16
C GLU C 25 -32.13 -1.59 9.47
N ALA C 26 -31.61 -0.63 10.25
CA ALA C 26 -30.75 0.40 9.67
C ALA C 26 -29.52 -0.22 9.02
N ASN C 27 -28.97 -1.27 9.61
CA ASN C 27 -27.80 -1.92 9.04
C ASN C 27 -28.13 -2.54 7.69
N LYS C 28 -29.29 -3.20 7.57
CA LYS C 28 -29.67 -3.79 6.30
C LYS C 28 -29.88 -2.72 5.23
N LYS C 29 -30.50 -1.61 5.60
CA LYS C 29 -30.67 -0.50 4.67
C LYS C 29 -29.31 0.02 4.21
N ILE C 30 -28.41 0.28 5.15
CA ILE C 30 -27.09 0.78 4.81
C ILE C 30 -26.34 -0.24 3.95
N GLU C 31 -26.58 -1.53 4.17
CA GLU C 31 -25.84 -2.54 3.42
C GLU C 31 -26.35 -2.64 1.99
N LYS C 32 -27.66 -2.48 1.79
CA LYS C 32 -28.16 -2.30 0.43
C LYS C 32 -27.46 -1.12 -0.24
N GLN C 33 -27.46 0.03 0.44
CA GLN C 33 -26.83 1.20 -0.14
C GLN C 33 -25.34 0.94 -0.43
N LEU C 34 -24.65 0.26 0.47
CA LEU C 34 -23.23 0.00 0.28
C LEU C 34 -22.99 -0.99 -0.84
N GLN C 35 -23.90 -1.92 -1.07
CA GLN C 35 -23.79 -2.82 -2.21
C GLN C 35 -23.88 -2.02 -3.50
N LYS C 36 -24.83 -1.11 -3.57
CA LYS C 36 -24.90 -0.21 -4.73
C LYS C 36 -23.61 0.59 -4.89
N ASP C 37 -23.14 1.19 -3.78
CA ASP C 37 -21.92 1.98 -3.85
C ASP C 37 -20.73 1.15 -4.31
N LYS C 38 -20.65 -0.09 -3.85
CA LYS C 38 -19.54 -0.96 -4.22
C LYS C 38 -19.58 -1.29 -5.70
N GLN C 39 -20.77 -1.56 -6.24
CA GLN C 39 -20.85 -1.82 -7.67
C GLN C 39 -20.57 -0.57 -8.49
N VAL C 40 -20.76 0.63 -7.91
CA VAL C 40 -20.40 1.84 -8.63
C VAL C 40 -18.90 2.11 -8.53
N TYR C 41 -18.29 1.75 -7.40
CA TYR C 41 -16.90 2.14 -7.16
C TYR C 41 -15.92 1.36 -8.03
N ARG C 42 -16.26 0.13 -8.39
CA ARG C 42 -15.37 -0.68 -9.20
C ARG C 42 -15.57 -0.46 -10.69
N ALA C 43 -16.68 0.15 -11.09
CA ALA C 43 -16.94 0.46 -12.49
C ALA C 43 -16.30 1.76 -12.93
N THR C 44 -15.51 2.40 -12.07
CA THR C 44 -14.88 3.68 -12.36
C THR C 44 -13.39 3.57 -12.07
N HIS C 45 -12.59 4.28 -12.87
CA HIS C 45 -11.14 4.22 -12.78
C HIS C 45 -10.58 5.59 -12.47
N ARG C 46 -9.67 5.65 -11.51
CA ARG C 46 -9.15 6.92 -10.98
C ARG C 46 -7.74 7.17 -11.51
N LEU C 47 -7.50 8.39 -11.98
CA LEU C 47 -6.24 8.79 -12.56
C LEU C 47 -5.63 9.94 -11.76
N LEU C 48 -4.31 10.01 -11.74
CA LEU C 48 -3.62 11.14 -11.08
C LEU C 48 -2.92 11.98 -12.14
N LEU C 49 -3.38 13.20 -12.35
CA LEU C 49 -2.71 14.15 -13.24
C LEU C 49 -1.59 14.85 -12.49
N LEU C 50 -0.40 14.88 -13.08
CA LEU C 50 0.78 15.38 -12.40
C LEU C 50 1.67 16.13 -13.38
N GLY C 51 2.30 17.19 -12.90
CA GLY C 51 3.27 17.93 -13.69
C GLY C 51 2.64 19.01 -14.54
N SER C 195 -10.72 23.79 -4.93
CA SER C 195 -9.48 24.55 -4.97
C SER C 195 -8.29 23.66 -4.63
N GLY C 196 -8.40 22.90 -3.55
CA GLY C 196 -7.32 22.00 -3.18
C GLY C 196 -7.05 20.94 -4.21
N ILE C 197 -8.10 20.48 -4.89
CA ILE C 197 -7.96 19.43 -5.91
C ILE C 197 -9.11 19.58 -6.89
N PHE C 198 -8.78 19.57 -8.18
CA PHE C 198 -9.77 19.72 -9.24
C PHE C 198 -10.10 18.34 -9.79
N GLU C 199 -11.38 17.97 -9.73
CA GLU C 199 -11.84 16.70 -10.27
C GLU C 199 -12.35 16.89 -11.69
N THR C 200 -12.08 15.90 -12.52
CA THR C 200 -12.64 15.81 -13.86
C THR C 200 -13.26 14.44 -14.02
N LYS C 201 -14.35 14.37 -14.79
CA LYS C 201 -15.06 13.12 -15.01
C LYS C 201 -15.36 12.98 -16.48
N PHE C 202 -14.91 11.88 -17.09
CA PHE C 202 -15.22 11.62 -18.48
C PHE C 202 -15.60 10.16 -18.65
N GLN C 203 -16.21 9.87 -19.80
CA GLN C 203 -16.72 8.53 -20.10
C GLN C 203 -16.32 8.16 -21.50
N VAL C 204 -15.61 7.04 -21.65
CA VAL C 204 -15.23 6.51 -22.96
C VAL C 204 -15.74 5.09 -23.05
N ASP C 205 -16.56 4.82 -24.08
CA ASP C 205 -17.08 3.49 -24.32
C ASP C 205 -17.83 2.97 -23.10
N LYS C 206 -18.54 3.88 -22.42
CA LYS C 206 -19.32 3.56 -21.23
C LYS C 206 -18.45 3.07 -20.08
N VAL C 207 -17.18 3.43 -20.08
CA VAL C 207 -16.30 3.24 -18.93
C VAL C 207 -16.00 4.62 -18.37
N ASN C 208 -16.20 4.79 -17.07
CA ASN C 208 -16.15 6.09 -16.42
C ASN C 208 -14.80 6.29 -15.75
N PHE C 209 -14.25 7.49 -15.91
CA PHE C 209 -12.94 7.85 -15.39
C PHE C 209 -13.05 9.14 -14.61
N HIS C 210 -12.39 9.17 -13.45
CA HIS C 210 -12.26 10.38 -12.65
C HIS C 210 -10.78 10.75 -12.58
N MET C 211 -10.40 11.85 -13.24
CA MET C 211 -9.04 12.36 -13.18
C MET C 211 -8.96 13.46 -12.11
N PHE C 212 -7.78 13.61 -11.52
CA PHE C 212 -7.62 14.47 -10.35
C PHE C 212 -6.35 15.29 -10.47
N ASP C 213 -6.51 16.61 -10.63
CA ASP C 213 -5.40 17.54 -10.72
C ASP C 213 -5.16 18.15 -9.35
N VAL C 214 -3.98 17.91 -8.79
CA VAL C 214 -3.68 18.27 -7.42
C VAL C 214 -2.93 19.61 -7.35
N GLY C 215 -3.06 20.44 -8.38
CA GLY C 215 -2.69 21.83 -8.22
C GLY C 215 -3.52 22.45 -7.11
N GLY C 216 -2.87 23.10 -6.16
CA GLY C 216 -3.54 23.54 -4.95
C GLY C 216 -2.74 23.16 -3.72
N GLN C 217 -1.55 22.59 -3.95
CA GLN C 217 -0.57 22.28 -2.92
C GLN C 217 0.68 23.10 -3.16
N ARG C 218 1.66 22.99 -2.25
CA ARG C 218 2.77 23.92 -2.20
C ARG C 218 4.12 23.29 -2.58
N ASP C 219 4.14 22.44 -3.60
CA ASP C 219 5.39 22.07 -4.29
C ASP C 219 6.28 21.15 -3.46
N GLU C 220 5.75 20.50 -2.43
CA GLU C 220 6.47 19.47 -1.69
C GLU C 220 5.56 18.26 -1.63
N ARG C 221 5.81 17.30 -2.52
CA ARG C 221 4.83 16.27 -2.86
C ARG C 221 4.96 15.00 -2.05
N ARG C 222 6.04 14.83 -1.29
CA ARG C 222 6.40 13.52 -0.77
C ARG C 222 5.40 12.96 0.24
N LYS C 223 4.40 13.74 0.64
CA LYS C 223 3.40 13.25 1.58
C LYS C 223 2.04 13.04 0.95
N TRP C 224 1.56 13.98 0.15
CA TRP C 224 0.23 13.80 -0.43
C TRP C 224 0.26 12.92 -1.68
N ILE C 225 1.41 12.75 -2.31
CA ILE C 225 1.52 11.84 -3.44
C ILE C 225 1.08 10.43 -3.03
N GLN C 226 1.38 10.04 -1.79
CA GLN C 226 1.01 8.73 -1.31
C GLN C 226 -0.49 8.48 -1.36
N CYS C 227 -1.30 9.52 -1.47
CA CYS C 227 -2.75 9.32 -1.55
C CYS C 227 -3.14 8.55 -2.80
N PHE C 228 -2.24 8.43 -3.77
CA PHE C 228 -2.60 7.86 -5.06
C PHE C 228 -1.91 6.53 -5.32
N ASN C 229 -1.78 5.71 -4.28
CA ASN C 229 -1.10 4.44 -4.41
C ASN C 229 -1.89 3.43 -5.21
N ASP C 230 -3.21 3.56 -5.30
CA ASP C 230 -4.06 2.57 -5.93
C ASP C 230 -4.82 3.10 -7.12
N VAL C 231 -4.33 4.16 -7.76
CA VAL C 231 -4.96 4.62 -8.99
C VAL C 231 -4.63 3.66 -10.13
N THR C 232 -5.41 3.73 -11.19
CA THR C 232 -5.10 2.92 -12.35
C THR C 232 -3.85 3.44 -13.06
N ALA C 233 -3.59 4.75 -12.98
CA ALA C 233 -2.39 5.28 -13.61
C ALA C 233 -2.13 6.71 -13.15
N ILE C 234 -0.87 7.09 -13.23
CA ILE C 234 -0.43 8.48 -13.08
C ILE C 234 -0.13 9.01 -14.46
N ILE C 235 -0.80 10.08 -14.85
CA ILE C 235 -0.53 10.79 -16.09
C ILE C 235 0.46 11.90 -15.76
N PHE C 236 1.69 11.73 -16.23
CA PHE C 236 2.84 12.57 -15.91
C PHE C 236 3.16 13.42 -17.13
N VAL C 237 2.83 14.70 -17.08
CA VAL C 237 3.01 15.58 -18.23
C VAL C 237 4.36 16.28 -18.11
N VAL C 238 5.05 16.39 -19.25
CA VAL C 238 6.36 17.04 -19.32
C VAL C 238 6.38 17.93 -20.54
N ALA C 239 7.25 18.94 -20.51
CA ALA C 239 7.49 19.84 -21.63
C ALA C 239 8.91 19.61 -22.14
N SER C 240 9.02 18.99 -23.31
CA SER C 240 10.34 18.78 -23.90
C SER C 240 11.02 20.09 -24.30
N SER C 241 10.26 21.18 -24.43
CA SER C 241 10.86 22.47 -24.70
C SER C 241 11.68 22.96 -23.51
N SER C 242 11.08 22.94 -22.33
CA SER C 242 11.78 23.30 -21.10
C SER C 242 11.87 22.09 -20.17
N ASN C 251 18.44 33.53 -17.05
CA ASN C 251 17.79 32.95 -15.89
C ASN C 251 16.94 31.74 -16.29
N GLN C 252 17.55 30.80 -17.00
CA GLN C 252 16.86 29.61 -17.48
C GLN C 252 17.39 28.40 -16.70
N THR C 253 16.51 27.78 -15.92
CA THR C 253 16.85 26.56 -15.21
C THR C 253 16.77 25.38 -16.17
N ASN C 254 17.41 24.28 -15.77
CA ASN C 254 17.34 23.03 -16.54
C ASN C 254 16.12 22.27 -16.03
N ARG C 255 15.00 22.43 -16.75
CA ARG C 255 13.73 21.86 -16.30
C ARG C 255 13.58 20.41 -16.69
N LEU C 256 14.18 19.99 -17.80
CA LEU C 256 14.09 18.60 -18.20
C LEU C 256 14.76 17.68 -17.19
N GLN C 257 15.88 18.12 -16.62
CA GLN C 257 16.52 17.35 -15.56
C GLN C 257 15.65 17.30 -14.32
N GLU C 258 14.92 18.38 -14.04
CA GLU C 258 13.98 18.37 -12.92
C GLU C 258 12.88 17.34 -13.15
N ALA C 259 12.33 17.30 -14.36
CA ALA C 259 11.31 16.32 -14.70
C ALA C 259 11.85 14.90 -14.63
N LEU C 260 13.09 14.68 -15.09
CA LEU C 260 13.69 13.36 -14.98
C LEU C 260 13.86 12.94 -13.53
N ASN C 261 14.35 13.85 -12.68
CA ASN C 261 14.53 13.51 -11.27
C ASN C 261 13.19 13.21 -10.61
N LEU C 262 12.14 13.95 -10.97
CA LEU C 262 10.82 13.71 -10.40
C LEU C 262 10.28 12.35 -10.86
N PHE C 263 10.36 12.07 -12.16
CA PHE C 263 9.95 10.78 -12.68
C PHE C 263 10.69 9.65 -12.00
N LYS C 264 11.98 9.86 -11.72
CA LYS C 264 12.78 8.81 -11.11
C LYS C 264 12.39 8.58 -9.65
N SER C 265 12.11 9.66 -8.92
CA SER C 265 11.66 9.49 -7.54
C SER C 265 10.24 8.93 -7.46
N ILE C 266 9.42 9.13 -8.48
CA ILE C 266 8.10 8.50 -8.53
C ILE C 266 8.24 7.02 -8.83
N TRP C 267 9.07 6.68 -9.83
CA TRP C 267 9.22 5.31 -10.28
C TRP C 267 9.76 4.40 -9.20
N ASN C 268 10.50 4.94 -8.23
CA ASN C 268 11.18 4.13 -7.23
C ASN C 268 10.62 4.32 -5.84
N ASN C 269 9.51 5.02 -5.70
CA ASN C 269 8.88 5.17 -4.40
C ASN C 269 8.20 3.87 -3.99
N ARG C 270 8.31 3.55 -2.70
CA ARG C 270 7.76 2.30 -2.20
C ARG C 270 6.28 2.15 -2.50
N TRP C 271 5.54 3.26 -2.53
CA TRP C 271 4.08 3.21 -2.61
C TRP C 271 3.55 3.46 -4.01
N LEU C 272 4.42 3.69 -4.99
CA LEU C 272 3.99 3.88 -6.37
C LEU C 272 4.67 2.89 -7.31
N ARG C 273 5.21 1.79 -6.79
CA ARG C 273 6.01 0.87 -7.58
C ARG C 273 5.19 0.01 -8.52
N THR C 274 3.92 -0.22 -8.22
CA THR C 274 3.04 -0.97 -9.09
C THR C 274 2.20 -0.06 -9.97
N ILE C 275 2.45 1.25 -9.95
CA ILE C 275 1.63 2.21 -10.68
C ILE C 275 2.32 2.49 -12.01
N SER C 276 1.64 2.18 -13.09
CA SER C 276 2.14 2.53 -14.41
C SER C 276 1.95 4.01 -14.65
N VAL C 277 2.91 4.62 -15.33
CA VAL C 277 2.91 6.05 -15.58
C VAL C 277 2.71 6.27 -17.07
N ILE C 278 1.70 7.05 -17.41
CA ILE C 278 1.48 7.47 -18.79
C ILE C 278 2.25 8.77 -18.98
N LEU C 279 3.34 8.69 -19.75
CA LEU C 279 4.21 9.84 -19.93
C LEU C 279 3.74 10.61 -21.15
N PHE C 280 3.42 11.87 -20.95
CA PHE C 280 3.08 12.77 -22.05
C PHE C 280 4.23 13.74 -22.25
N LEU C 281 4.71 13.83 -23.48
CA LEU C 281 5.78 14.74 -23.85
C LEU C 281 5.14 15.83 -24.70
N ASN C 282 4.94 17.00 -24.09
CA ASN C 282 4.19 18.07 -24.70
C ASN C 282 5.13 19.08 -25.35
N LYS C 283 4.53 20.08 -25.99
CA LYS C 283 5.29 21.20 -26.57
C LYS C 283 6.35 20.71 -27.55
N GLN C 284 6.11 19.55 -28.17
CA GLN C 284 7.06 19.01 -29.13
C GLN C 284 7.31 20.00 -30.27
N ASP C 285 6.26 20.71 -30.71
CA ASP C 285 6.45 21.71 -31.75
C ASP C 285 7.29 22.88 -31.26
N LEU C 286 7.09 23.29 -30.00
CA LEU C 286 7.98 24.30 -29.41
C LEU C 286 9.42 23.81 -29.41
N LEU C 287 9.64 22.53 -29.10
CA LEU C 287 10.98 21.96 -29.18
C LEU C 287 11.54 22.09 -30.58
N ALA C 288 10.79 21.60 -31.57
CA ALA C 288 11.24 21.70 -32.96
C ALA C 288 11.57 23.14 -33.34
N GLU C 289 10.84 24.11 -32.78
CA GLU C 289 11.19 25.51 -33.00
C GLU C 289 12.51 25.85 -32.32
N LYS C 290 12.74 25.30 -31.12
CA LYS C 290 13.96 25.61 -30.38
C LYS C 290 15.20 25.02 -31.04
N VAL C 291 15.07 23.89 -31.75
CA VAL C 291 16.24 23.13 -32.18
C VAL C 291 16.75 23.62 -33.53
N LEU C 292 16.31 24.79 -33.95
CA LEU C 292 16.85 25.39 -35.17
C LEU C 292 16.96 26.91 -35.01
N LYS C 297 21.27 24.21 -28.05
CA LYS C 297 21.01 24.52 -26.65
C LYS C 297 20.52 23.29 -25.90
N ILE C 298 20.85 22.10 -26.41
CA ILE C 298 20.48 20.86 -25.73
C ILE C 298 21.71 19.99 -25.53
N GLU C 299 22.81 20.30 -26.22
CA GLU C 299 24.01 19.49 -26.08
C GLU C 299 24.80 19.87 -24.83
N ASP C 300 24.66 21.11 -24.35
CA ASP C 300 25.32 21.50 -23.11
C ASP C 300 24.85 20.61 -21.96
N TYR C 301 23.55 20.55 -21.74
CA TYR C 301 22.99 19.58 -20.83
C TYR C 301 22.85 18.25 -21.55
N PHE C 302 23.04 17.16 -20.82
CA PHE C 302 22.97 15.85 -21.47
C PHE C 302 24.02 15.71 -22.56
N PRO C 303 25.32 15.83 -22.24
CA PRO C 303 26.34 15.80 -23.27
C PRO C 303 26.36 14.52 -24.10
N GLU C 304 25.56 13.54 -23.71
CA GLU C 304 25.43 12.30 -24.47
C GLU C 304 24.59 12.47 -25.73
N PHE C 305 23.91 13.60 -25.89
CA PHE C 305 23.08 13.81 -27.07
C PHE C 305 23.89 13.81 -28.34
N ALA C 306 25.19 14.13 -28.26
CA ALA C 306 26.02 14.18 -29.46
C ALA C 306 26.30 12.79 -30.02
N ARG C 307 26.38 11.77 -29.16
CA ARG C 307 26.58 10.39 -29.61
C ARG C 307 25.28 9.62 -29.76
N TYR C 308 24.14 10.19 -29.43
CA TYR C 308 22.87 9.50 -29.53
C TYR C 308 22.54 9.20 -30.99
N THR C 309 21.89 8.06 -31.21
CA THR C 309 21.47 7.63 -32.53
C THR C 309 20.00 7.25 -32.49
N THR C 310 19.25 7.69 -33.49
CA THR C 310 17.83 7.38 -33.56
C THR C 310 17.63 5.87 -33.61
N PRO C 311 16.78 5.29 -32.75
CA PRO C 311 16.50 3.86 -32.86
C PRO C 311 15.43 3.53 -33.90
N ASP C 321 12.86 16.06 -41.04
CA ASP C 321 13.66 16.85 -40.12
C ASP C 321 14.21 15.96 -39.00
N PRO C 322 15.16 15.09 -39.35
CA PRO C 322 15.72 14.17 -38.36
C PRO C 322 16.17 14.82 -37.06
N ARG C 323 16.52 16.10 -37.09
CA ARG C 323 16.97 16.78 -35.87
C ARG C 323 15.91 16.71 -34.78
N VAL C 324 14.69 17.17 -35.11
CA VAL C 324 13.61 17.22 -34.14
C VAL C 324 13.33 15.82 -33.60
N THR C 325 13.23 14.84 -34.49
CA THR C 325 12.88 13.49 -34.08
C THR C 325 13.97 12.91 -33.18
N ARG C 326 15.23 13.14 -33.53
CA ARG C 326 16.32 12.66 -32.70
C ARG C 326 16.23 13.24 -31.29
N ALA C 327 16.06 14.56 -31.19
CA ALA C 327 15.95 15.18 -29.87
C ALA C 327 14.79 14.60 -29.07
N LYS C 328 13.60 14.54 -29.70
CA LYS C 328 12.40 14.10 -29.02
C LYS C 328 12.53 12.67 -28.51
N TYR C 329 13.01 11.77 -29.37
CA TYR C 329 13.19 10.39 -28.96
C TYR C 329 14.34 10.24 -27.98
N PHE C 330 15.32 11.16 -27.99
CA PHE C 330 16.37 11.15 -26.99
C PHE C 330 15.80 11.40 -25.61
N ILE C 331 14.92 12.39 -25.49
CA ILE C 331 14.27 12.64 -24.20
C ILE C 331 13.43 11.45 -23.80
N ARG C 332 12.65 10.92 -24.75
CA ARG C 332 11.85 9.73 -24.46
C ARG C 332 12.72 8.59 -23.94
N ASP C 333 13.90 8.39 -24.55
CA ASP C 333 14.77 7.29 -24.13
C ASP C 333 15.42 7.57 -22.79
N GLU C 334 15.67 8.83 -22.45
CA GLU C 334 16.09 9.14 -21.09
C GLU C 334 15.07 8.63 -20.09
N PHE C 335 13.80 8.97 -20.32
CA PHE C 335 12.76 8.51 -19.41
C PHE C 335 12.65 7.00 -19.40
N LEU C 336 12.75 6.37 -20.58
CA LEU C 336 12.63 4.93 -20.66
C LEU C 336 13.83 4.21 -20.04
N ARG C 337 14.99 4.86 -20.01
CA ARG C 337 16.14 4.28 -19.33
C ARG C 337 15.95 4.31 -17.83
N ILE C 338 15.44 5.42 -17.30
CA ILE C 338 15.04 5.42 -15.88
C ILE C 338 14.01 4.33 -15.63
N SER C 339 13.11 4.11 -16.60
CA SER C 339 11.92 3.31 -16.36
C SER C 339 12.22 1.80 -16.39
N THR C 340 12.95 1.36 -17.41
CA THR C 340 13.20 -0.07 -17.61
C THR C 340 14.30 -0.61 -16.72
N ALA C 341 14.72 0.14 -15.70
CA ALA C 341 15.80 -0.30 -14.84
C ALA C 341 15.31 -1.09 -13.64
N SER C 342 14.26 -0.64 -12.96
CA SER C 342 13.81 -1.25 -11.72
C SER C 342 12.36 -1.73 -11.77
N GLY C 343 11.77 -1.81 -12.95
CA GLY C 343 10.38 -2.23 -13.06
C GLY C 343 10.09 -3.58 -12.42
N ASP C 344 10.70 -4.64 -12.96
CA ASP C 344 10.42 -6.02 -12.59
C ASP C 344 9.11 -6.52 -13.20
N GLY C 345 8.60 -5.85 -14.23
CA GLY C 345 7.39 -6.26 -14.90
C GLY C 345 6.12 -5.77 -14.25
N ARG C 346 6.15 -5.36 -12.98
CA ARG C 346 4.92 -5.01 -12.29
C ARG C 346 4.29 -3.74 -12.86
N HIS C 347 5.09 -2.76 -13.23
CA HIS C 347 4.58 -1.54 -13.85
C HIS C 347 5.38 -1.21 -15.09
N TYR C 348 4.77 -0.40 -15.96
CA TYR C 348 5.37 0.01 -17.21
C TYR C 348 5.18 1.50 -17.40
N CYS C 349 5.82 2.03 -18.44
CA CYS C 349 5.61 3.38 -18.90
C CYS C 349 5.00 3.34 -20.29
N TYR C 350 4.11 4.28 -20.58
CA TYR C 350 3.39 4.32 -21.84
C TYR C 350 3.58 5.72 -22.42
N PRO C 351 4.73 5.99 -23.04
CA PRO C 351 5.04 7.35 -23.49
C PRO C 351 4.36 7.71 -24.80
N HIS C 352 3.85 8.94 -24.87
CA HIS C 352 3.24 9.46 -26.08
C HIS C 352 3.70 10.90 -26.28
N PHE C 353 3.59 11.37 -27.52
CA PHE C 353 3.95 12.74 -27.89
C PHE C 353 2.67 13.53 -28.09
N THR C 354 2.49 14.57 -27.29
CA THR C 354 1.26 15.35 -27.30
C THR C 354 1.52 16.82 -27.60
N VAL C 357 -4.85 18.07 -27.99
CA VAL C 357 -6.00 17.34 -28.51
C VAL C 357 -6.59 16.45 -27.43
N ASP C 358 -7.52 17.00 -26.64
CA ASP C 358 -8.13 16.22 -25.57
C ASP C 358 -8.73 14.91 -26.10
N THR C 359 -9.13 14.88 -27.37
CA THR C 359 -9.75 13.70 -27.92
C THR C 359 -8.79 12.51 -27.91
N GLU C 360 -7.69 12.63 -28.66
CA GLU C 360 -6.74 11.53 -28.74
C GLU C 360 -6.10 11.26 -27.39
N ASN C 361 -5.94 12.28 -26.55
CA ASN C 361 -5.38 12.05 -25.22
C ASN C 361 -6.31 11.17 -24.39
N ILE C 362 -7.60 11.45 -24.43
CA ILE C 362 -8.58 10.66 -23.68
C ILE C 362 -8.56 9.22 -24.20
N ARG C 363 -8.55 9.06 -25.52
CA ARG C 363 -8.50 7.73 -26.10
C ARG C 363 -7.22 7.00 -25.69
N ARG C 364 -6.10 7.70 -25.67
CA ARG C 364 -4.83 7.08 -25.31
C ARG C 364 -4.83 6.61 -23.86
N VAL C 365 -5.37 7.42 -22.97
CA VAL C 365 -5.45 7.01 -21.57
C VAL C 365 -6.38 5.80 -21.44
N PHE C 366 -7.46 5.79 -22.22
CA PHE C 366 -8.35 4.64 -22.22
C PHE C 366 -7.60 3.36 -22.60
N ASN C 367 -6.89 3.41 -23.73
CA ASN C 367 -6.19 2.24 -24.22
C ASN C 367 -5.07 1.82 -23.28
N ASP C 368 -4.36 2.79 -22.70
CA ASP C 368 -3.28 2.43 -21.80
C ASP C 368 -3.81 1.84 -20.51
N CYS C 369 -4.98 2.27 -20.04
CA CYS C 369 -5.55 1.65 -18.85
C CYS C 369 -6.03 0.24 -19.17
N ARG C 370 -6.59 0.05 -20.36
CA ARG C 370 -6.93 -1.30 -20.79
C ARG C 370 -5.70 -2.21 -20.80
N ASP C 371 -4.59 -1.71 -21.35
CA ASP C 371 -3.37 -2.51 -21.39
C ASP C 371 -2.82 -2.76 -20.00
N ILE C 372 -2.91 -1.78 -19.11
CA ILE C 372 -2.42 -1.96 -17.75
C ILE C 372 -3.19 -3.07 -17.06
N ILE C 373 -4.51 -3.08 -17.21
CA ILE C 373 -5.32 -4.12 -16.58
C ILE C 373 -5.00 -5.48 -17.19
N GLN C 374 -4.90 -5.54 -18.52
CA GLN C 374 -4.59 -6.80 -19.17
C GLN C 374 -3.22 -7.32 -18.74
N ARG C 375 -2.23 -6.44 -18.59
CA ARG C 375 -0.91 -6.89 -18.19
C ARG C 375 -0.90 -7.36 -16.74
N MET C 376 -1.62 -6.66 -15.87
CA MET C 376 -1.72 -7.13 -14.49
C MET C 376 -2.31 -8.53 -14.44
N HIS C 377 -3.34 -8.79 -15.25
CA HIS C 377 -3.92 -10.13 -15.26
C HIS C 377 -2.99 -11.17 -15.87
N LEU C 378 -2.39 -10.84 -17.02
CA LEU C 378 -1.49 -11.78 -17.69
C LEU C 378 -0.28 -12.10 -16.84
N ARG C 379 0.15 -11.16 -15.99
CA ARG C 379 1.23 -11.44 -15.06
C ARG C 379 0.75 -12.27 -13.88
N GLN C 380 -0.53 -12.14 -13.52
CA GLN C 380 -1.07 -12.99 -12.46
C GLN C 380 -1.01 -14.47 -12.85
N TYR C 381 -1.25 -14.79 -14.12
CA TYR C 381 -1.29 -16.16 -14.58
C TYR C 381 0.08 -16.65 -15.05
N GLU C 382 1.15 -15.93 -14.73
CA GLU C 382 2.50 -16.30 -15.13
C GLU C 382 2.63 -16.43 -16.64
N LEU C 383 1.88 -15.62 -17.38
CA LEU C 383 2.07 -15.52 -18.82
C LEU C 383 3.03 -14.39 -19.18
N LEU C 384 3.03 -13.32 -18.40
CA LEU C 384 4.06 -12.30 -18.49
C LEU C 384 4.80 -12.25 -17.16
N SER D 8 16.14 39.44 5.63
CA SER D 8 16.54 40.80 5.97
C SER D 8 16.48 41.01 7.48
N ILE D 9 16.62 42.27 7.91
CA ILE D 9 16.61 42.58 9.33
C ILE D 9 15.32 42.11 9.98
N ALA D 10 14.21 42.11 9.25
CA ALA D 10 12.93 41.70 9.81
C ALA D 10 12.97 40.24 10.26
N GLN D 11 13.45 39.35 9.39
CA GLN D 11 13.54 37.94 9.75
C GLN D 11 14.46 37.73 10.94
N ALA D 12 15.58 38.47 10.98
CA ALA D 12 16.48 38.36 12.12
C ALA D 12 15.79 38.79 13.41
N ARG D 13 14.98 39.84 13.31
CA ARG D 13 14.25 40.35 14.48
C ARG D 13 13.29 39.28 14.97
N LYS D 14 12.68 38.54 14.04
CA LYS D 14 11.77 37.50 14.40
C LYS D 14 12.58 36.30 14.84
N LEU D 15 13.72 36.09 14.21
CA LEU D 15 14.59 34.98 14.59
C LEU D 15 15.04 35.16 16.00
N VAL D 16 15.39 36.36 16.40
CA VAL D 16 15.88 36.59 17.76
C VAL D 16 14.79 36.65 18.83
N GLU D 17 13.64 37.21 18.48
CA GLU D 17 12.55 37.39 19.43
C GLU D 17 11.95 36.05 19.84
N GLN D 18 11.73 35.15 18.89
CA GLN D 18 11.22 33.82 19.22
C GLN D 18 12.25 33.04 20.04
N LEU D 19 13.52 33.08 19.66
CA LEU D 19 14.53 32.33 20.38
C LEU D 19 14.75 32.88 21.79
N LYS D 20 14.32 34.11 22.07
CA LYS D 20 14.34 34.60 23.43
C LYS D 20 13.04 34.34 24.16
N MET D 21 11.94 34.16 23.44
CA MET D 21 10.70 33.75 24.08
C MET D 21 10.85 32.40 24.78
N GLU D 22 11.54 31.46 24.13
CA GLU D 22 11.75 30.13 24.68
C GLU D 22 12.98 30.05 25.56
N ALA D 23 13.79 31.10 25.61
CA ALA D 23 15.04 31.04 26.39
C ALA D 23 14.74 31.03 27.88
N ASN D 24 13.97 32.00 28.36
CA ASN D 24 13.74 32.20 29.79
C ASN D 24 12.44 31.50 30.17
N ILE D 25 12.54 30.20 30.45
CA ILE D 25 11.44 29.43 31.01
C ILE D 25 12.01 28.44 32.00
N ASP D 26 11.28 28.17 33.08
CA ASP D 26 11.68 27.16 34.04
C ASP D 26 11.94 25.85 33.31
N ARG D 27 13.15 25.30 33.50
CA ARG D 27 13.55 24.03 32.91
C ARG D 27 14.01 23.12 34.02
N ILE D 28 13.09 22.29 34.53
CA ILE D 28 13.45 21.31 35.53
C ILE D 28 14.45 20.31 34.94
N LYS D 29 15.06 19.51 35.81
CA LYS D 29 16.04 18.54 35.37
C LYS D 29 15.35 17.26 34.90
N VAL D 30 15.97 16.60 33.92
CA VAL D 30 15.32 15.46 33.27
C VAL D 30 14.92 14.41 34.30
N SER D 31 15.83 14.08 35.22
CA SER D 31 15.50 13.10 36.24
C SER D 31 14.12 13.35 36.83
N LYS D 32 13.77 14.61 37.02
CA LYS D 32 12.45 14.93 37.53
C LYS D 32 11.36 14.56 36.51
N ALA D 33 11.58 14.87 35.23
CA ALA D 33 10.60 14.51 34.21
C ALA D 33 10.38 13.01 34.15
N ALA D 34 11.48 12.25 34.14
CA ALA D 34 11.39 10.80 34.21
C ALA D 34 10.57 10.38 35.42
N ALA D 35 11.07 10.70 36.63
CA ALA D 35 10.36 10.41 37.85
C ALA D 35 8.86 10.64 37.71
N ASP D 36 8.48 11.75 37.08
CA ASP D 36 7.07 12.08 36.95
C ASP D 36 6.34 11.09 36.02
N LEU D 37 6.94 10.78 34.87
CA LEU D 37 6.30 9.84 33.95
C LEU D 37 6.23 8.44 34.54
N MET D 38 7.32 8.01 35.18
CA MET D 38 7.33 6.74 35.90
C MET D 38 6.21 6.69 36.91
N ALA D 39 6.14 7.69 37.79
CA ALA D 39 5.13 7.71 38.83
C ALA D 39 3.73 7.69 38.23
N TYR D 40 3.52 8.40 37.12
CA TYR D 40 2.19 8.41 36.52
C TYR D 40 1.83 7.03 35.99
N CYS D 41 2.62 6.49 35.08
CA CYS D 41 2.30 5.17 34.53
C CYS D 41 2.17 4.13 35.63
N GLU D 42 2.81 4.35 36.77
CA GLU D 42 2.62 3.45 37.91
C GLU D 42 1.39 3.78 38.71
N ALA D 43 0.82 4.97 38.55
CA ALA D 43 -0.35 5.36 39.32
C ALA D 43 -1.63 4.79 38.73
N HIS D 44 -1.70 4.70 37.40
CA HIS D 44 -2.89 4.28 36.69
C HIS D 44 -2.68 2.92 36.02
N ALA D 45 -1.94 2.03 36.69
CA ALA D 45 -1.62 0.74 36.12
C ALA D 45 -2.80 -0.23 36.19
N LYS D 46 -3.62 -0.14 37.24
CA LYS D 46 -4.75 -1.03 37.38
C LYS D 46 -5.94 -0.62 36.54
N GLU D 47 -5.91 0.58 35.95
CA GLU D 47 -7.00 1.09 35.13
C GLU D 47 -6.69 0.99 33.64
N ASP D 48 -5.71 0.19 33.26
CA ASP D 48 -5.34 0.03 31.87
C ASP D 48 -5.64 -1.41 31.45
N PRO D 49 -6.69 -1.66 30.65
CA PRO D 49 -7.06 -3.04 30.34
C PRO D 49 -6.29 -3.70 29.21
N LEU D 50 -5.47 -2.97 28.46
CA LEU D 50 -4.54 -3.62 27.53
C LEU D 50 -3.31 -4.11 28.28
N LEU D 51 -2.60 -3.19 28.91
CA LEU D 51 -1.48 -3.56 29.77
C LEU D 51 -1.89 -4.60 30.80
N THR D 52 -3.13 -4.53 31.28
CA THR D 52 -3.64 -5.42 32.32
C THR D 52 -4.82 -6.20 31.73
N PRO D 53 -4.58 -7.36 31.14
CA PRO D 53 -5.70 -8.15 30.59
C PRO D 53 -6.64 -8.61 31.70
N VAL D 54 -7.88 -8.18 31.62
CA VAL D 54 -8.90 -8.56 32.60
C VAL D 54 -9.79 -9.63 31.98
N PRO D 55 -10.65 -10.30 32.76
CA PRO D 55 -11.42 -11.42 32.20
C PRO D 55 -12.41 -11.00 31.13
N ALA D 56 -13.16 -11.97 30.59
CA ALA D 56 -13.99 -11.74 29.41
C ALA D 56 -15.40 -11.28 29.75
N SER D 57 -15.85 -11.41 30.99
CA SER D 57 -17.20 -11.01 31.36
C SER D 57 -17.31 -9.50 31.61
N GLU D 58 -16.29 -8.73 31.21
CA GLU D 58 -16.33 -7.28 31.31
C GLU D 58 -15.83 -6.59 30.04
N ASN D 59 -15.41 -7.34 29.02
CA ASN D 59 -14.93 -6.75 27.78
C ASN D 59 -16.08 -6.68 26.78
N PRO D 60 -16.38 -5.50 26.23
CA PRO D 60 -17.44 -5.40 25.20
C PRO D 60 -17.05 -5.92 23.83
N PHE D 61 -15.99 -6.71 23.70
CA PHE D 61 -15.60 -7.28 22.41
C PHE D 61 -15.34 -8.78 22.50
N ARG D 62 -15.68 -9.42 23.62
CA ARG D 62 -15.62 -10.86 23.75
C ARG D 62 -16.98 -11.48 24.05
N GLU D 63 -17.64 -11.02 25.10
CA GLU D 63 -18.96 -11.51 25.48
C GLU D 63 -19.76 -10.34 26.04
N LYS D 64 -20.96 -10.63 26.51
CA LYS D 64 -21.83 -9.61 27.10
C LYS D 64 -21.26 -9.14 28.44
N MET E 207 2.38 -52.56 -7.66
CA MET E 207 1.14 -51.85 -7.92
C MET E 207 0.60 -51.24 -6.63
N SER E 208 0.74 -51.97 -5.52
CA SER E 208 0.25 -51.48 -4.24
C SER E 208 0.92 -50.17 -3.87
N LEU E 209 2.25 -50.16 -3.84
CA LEU E 209 2.98 -48.95 -3.50
C LEU E 209 2.67 -47.82 -4.46
N LEU E 210 2.48 -48.14 -5.74
CA LEU E 210 2.15 -47.08 -6.69
C LEU E 210 0.84 -46.42 -6.32
N MET E 211 -0.19 -47.23 -6.08
CA MET E 211 -1.49 -46.67 -5.72
C MET E 211 -1.41 -45.90 -4.40
N ALA E 212 -0.61 -46.40 -3.47
CA ALA E 212 -0.47 -45.72 -2.19
C ALA E 212 0.15 -44.34 -2.37
N LEU E 213 1.22 -44.27 -3.15
CA LEU E 213 1.86 -42.97 -3.37
C LEU E 213 0.94 -42.02 -4.14
N VAL E 214 0.10 -42.55 -5.03
CA VAL E 214 -0.83 -41.70 -5.76
C VAL E 214 -1.85 -41.11 -4.79
N VAL E 215 -2.43 -41.94 -3.93
CA VAL E 215 -3.35 -41.44 -2.91
C VAL E 215 -2.67 -40.37 -2.08
N LEU E 216 -1.47 -40.68 -1.59
CA LEU E 216 -0.74 -39.75 -0.74
C LEU E 216 -0.60 -38.40 -1.43
N LEU E 217 -0.09 -38.41 -2.65
CA LEU E 217 0.15 -37.16 -3.35
C LEU E 217 -1.14 -36.37 -3.53
N ILE E 218 -2.20 -37.03 -3.99
CA ILE E 218 -3.45 -36.31 -4.25
C ILE E 218 -3.94 -35.64 -2.97
N VAL E 219 -4.10 -36.43 -1.91
CA VAL E 219 -4.62 -35.89 -0.67
C VAL E 219 -3.73 -34.74 -0.24
N ALA E 220 -2.47 -35.05 0.07
CA ALA E 220 -1.55 -34.02 0.55
C ALA E 220 -1.70 -32.71 -0.23
N GLY E 221 -1.61 -32.77 -1.55
CA GLY E 221 -1.63 -31.55 -2.33
C GLY E 221 -2.91 -30.76 -2.13
N ASN E 222 -4.06 -31.40 -2.29
CA ASN E 222 -5.30 -30.62 -2.23
C ASN E 222 -5.60 -30.16 -0.82
N VAL E 223 -5.22 -30.94 0.19
CA VAL E 223 -5.38 -30.50 1.57
C VAL E 223 -4.55 -29.25 1.81
N LEU E 224 -3.32 -29.22 1.33
CA LEU E 224 -2.49 -28.03 1.45
C LEU E 224 -3.16 -26.84 0.78
N VAL E 225 -3.68 -27.03 -0.43
CA VAL E 225 -4.29 -25.91 -1.14
C VAL E 225 -5.46 -25.35 -0.34
N ILE E 226 -6.34 -26.22 0.15
CA ILE E 226 -7.52 -25.74 0.85
C ILE E 226 -7.13 -25.05 2.15
N ALA E 227 -6.21 -25.65 2.91
CA ALA E 227 -5.78 -25.04 4.15
C ALA E 227 -5.16 -23.67 3.90
N ALA E 228 -4.33 -23.56 2.87
CA ALA E 228 -3.75 -22.27 2.53
C ALA E 228 -4.83 -21.25 2.24
N ILE E 229 -5.70 -21.53 1.26
CA ILE E 229 -6.68 -20.52 0.86
C ILE E 229 -7.55 -20.12 2.05
N GLY E 230 -7.94 -21.09 2.88
CA GLY E 230 -8.80 -20.77 4.00
C GLY E 230 -8.10 -20.22 5.22
N SER E 231 -6.77 -20.21 5.23
CA SER E 231 -6.00 -19.70 6.35
C SER E 231 -5.52 -18.27 6.15
N THR E 232 -5.17 -17.89 4.92
CA THR E 232 -4.63 -16.58 4.62
C THR E 232 -5.74 -15.66 4.12
N GLN E 233 -5.71 -14.41 4.56
CA GLN E 233 -6.65 -13.41 4.08
C GLN E 233 -6.27 -12.92 2.69
N ARG E 234 -4.97 -12.75 2.44
CA ARG E 234 -4.50 -12.30 1.15
C ARG E 234 -4.92 -13.23 0.02
N LEU E 235 -5.21 -14.50 0.32
CA LEU E 235 -5.55 -15.49 -0.69
C LEU E 235 -7.04 -15.60 -0.96
N GLN E 236 -7.89 -15.01 -0.12
CA GLN E 236 -9.34 -15.17 -0.25
C GLN E 236 -9.86 -14.23 -1.34
N THR E 237 -9.48 -14.51 -2.57
CA THR E 237 -9.92 -13.74 -3.71
C THR E 237 -11.10 -14.43 -4.37
N LEU E 238 -11.56 -13.86 -5.49
CA LEU E 238 -12.73 -14.40 -6.16
C LEU E 238 -12.40 -15.64 -6.99
N THR E 239 -11.20 -15.70 -7.57
CA THR E 239 -10.79 -16.86 -8.34
C THR E 239 -10.38 -18.03 -7.46
N ASN E 240 -9.90 -17.75 -6.26
CA ASN E 240 -9.60 -18.83 -5.33
C ASN E 240 -10.85 -19.54 -4.85
N LEU E 241 -12.04 -18.99 -5.08
CA LEU E 241 -13.26 -19.76 -4.85
C LEU E 241 -13.38 -20.89 -5.86
N PHE E 242 -13.06 -20.63 -7.12
CA PHE E 242 -13.00 -21.68 -8.12
C PHE E 242 -11.87 -22.66 -7.81
N ILE E 243 -10.75 -22.16 -7.32
CA ILE E 243 -9.68 -23.07 -6.94
C ILE E 243 -10.11 -23.94 -5.77
N THR E 244 -10.94 -23.41 -4.88
CA THR E 244 -11.47 -24.18 -3.77
C THR E 244 -12.39 -25.29 -4.27
N SER E 245 -13.28 -24.96 -5.20
CA SER E 245 -14.13 -25.98 -5.81
C SER E 245 -13.27 -27.09 -6.41
N LEU E 246 -12.23 -26.71 -7.17
CA LEU E 246 -11.35 -27.69 -7.80
C LEU E 246 -10.67 -28.57 -6.75
N ALA E 247 -10.13 -27.95 -5.71
CA ALA E 247 -9.43 -28.71 -4.69
C ALA E 247 -10.37 -29.64 -3.95
N CYS E 248 -11.63 -29.25 -3.76
CA CYS E 248 -12.58 -30.13 -3.09
C CYS E 248 -12.90 -31.35 -3.95
N ALA E 249 -13.12 -31.14 -5.25
CA ALA E 249 -13.37 -32.28 -6.12
C ALA E 249 -12.18 -33.23 -6.12
N ASP E 250 -10.97 -32.68 -6.32
CA ASP E 250 -9.78 -33.53 -6.29
C ASP E 250 -9.65 -34.25 -4.95
N LEU E 251 -10.04 -33.58 -3.86
CA LEU E 251 -9.92 -34.17 -2.55
C LEU E 251 -10.86 -35.35 -2.39
N VAL E 252 -12.11 -35.21 -2.84
CA VAL E 252 -13.03 -36.33 -2.76
C VAL E 252 -12.52 -37.49 -3.58
N VAL E 253 -11.98 -37.21 -4.78
CA VAL E 253 -11.40 -38.27 -5.59
C VAL E 253 -10.36 -38.98 -4.74
N GLY E 254 -9.32 -38.27 -4.34
CA GLY E 254 -8.22 -38.89 -3.62
C GLY E 254 -8.66 -39.65 -2.40
N LEU E 255 -9.68 -39.16 -1.70
CA LEU E 255 -10.05 -39.75 -0.41
C LEU E 255 -10.91 -40.98 -0.58
N LEU E 256 -11.98 -40.91 -1.38
CA LEU E 256 -12.93 -42.00 -1.44
C LEU E 256 -12.88 -42.81 -2.73
N VAL E 257 -12.55 -42.20 -3.86
CA VAL E 257 -12.68 -42.90 -5.12
C VAL E 257 -11.48 -43.80 -5.37
N VAL E 258 -10.28 -43.32 -5.06
CA VAL E 258 -9.06 -44.02 -5.45
C VAL E 258 -8.79 -45.21 -4.54
N PRO E 259 -9.11 -45.15 -3.24
CA PRO E 259 -8.86 -46.34 -2.40
C PRO E 259 -9.63 -47.57 -2.85
N PHE E 260 -10.89 -47.40 -3.24
CA PHE E 260 -11.68 -48.56 -3.67
C PHE E 260 -11.17 -49.08 -5.01
N GLY E 261 -10.83 -48.19 -5.94
CA GLY E 261 -10.21 -48.63 -7.17
C GLY E 261 -8.91 -49.38 -6.92
N ALA E 262 -8.16 -48.95 -5.92
CA ALA E 262 -6.94 -49.66 -5.56
C ALA E 262 -7.26 -51.07 -5.08
N THR E 263 -8.24 -51.20 -4.18
CA THR E 263 -8.65 -52.53 -3.75
C THR E 263 -9.07 -53.38 -4.93
N LEU E 264 -9.73 -52.77 -5.92
CA LEU E 264 -10.19 -53.53 -7.08
C LEU E 264 -9.01 -54.05 -7.89
N VAL E 265 -8.07 -53.17 -8.22
CA VAL E 265 -6.92 -53.59 -9.03
C VAL E 265 -6.12 -54.64 -8.27
N VAL E 266 -5.86 -54.42 -6.99
CA VAL E 266 -5.06 -55.35 -6.21
C VAL E 266 -5.74 -56.71 -6.12
N ARG E 267 -6.91 -56.76 -5.48
CA ARG E 267 -7.59 -58.03 -5.22
C ARG E 267 -8.23 -58.61 -6.47
N GLY E 268 -8.43 -57.83 -7.52
CA GLY E 268 -8.98 -58.32 -8.75
C GLY E 268 -10.49 -58.46 -8.76
N THR E 269 -11.14 -58.36 -7.60
CA THR E 269 -12.59 -58.45 -7.51
C THR E 269 -13.10 -57.38 -6.55
N TRP E 270 -14.36 -57.01 -6.73
CA TRP E 270 -15.02 -56.12 -5.80
C TRP E 270 -15.37 -56.88 -4.53
N LEU E 271 -15.38 -56.18 -3.40
CA LEU E 271 -15.51 -56.82 -2.10
C LEU E 271 -16.51 -56.13 -1.19
N TRP E 272 -17.40 -55.29 -1.72
CA TRP E 272 -18.27 -54.46 -0.89
C TRP E 272 -19.73 -54.50 -1.34
N GLY E 273 -20.16 -55.58 -1.98
CA GLY E 273 -21.57 -55.71 -2.33
C GLY E 273 -21.98 -54.78 -3.45
N SER E 274 -23.19 -54.98 -3.99
CA SER E 274 -23.61 -54.24 -5.18
C SER E 274 -23.96 -52.79 -4.87
N PHE E 275 -24.52 -52.52 -3.70
CA PHE E 275 -24.92 -51.16 -3.37
C PHE E 275 -23.72 -50.22 -3.41
N LEU E 276 -22.70 -50.53 -2.62
CA LEU E 276 -21.52 -49.68 -2.61
C LEU E 276 -20.87 -49.62 -3.98
N CYS E 277 -21.04 -50.64 -4.81
CA CYS E 277 -20.52 -50.57 -6.17
C CYS E 277 -21.22 -49.47 -6.94
N GLU E 278 -22.55 -49.45 -6.90
CA GLU E 278 -23.28 -48.38 -7.57
C GLU E 278 -22.90 -47.02 -7.02
N LEU E 279 -22.74 -46.92 -5.70
CA LEU E 279 -22.44 -45.64 -5.09
C LEU E 279 -21.06 -45.15 -5.49
N TRP E 280 -20.07 -46.05 -5.44
CA TRP E 280 -18.71 -45.72 -5.85
C TRP E 280 -18.68 -45.27 -7.30
N THR E 281 -19.38 -46.00 -8.17
CA THR E 281 -19.45 -45.59 -9.57
C THR E 281 -19.97 -44.16 -9.69
N SER E 282 -21.08 -43.88 -9.01
CA SER E 282 -21.69 -42.55 -9.09
C SER E 282 -20.73 -41.49 -8.57
N LEU E 283 -20.06 -41.75 -7.46
CA LEU E 283 -19.20 -40.75 -6.85
C LEU E 283 -17.98 -40.47 -7.70
N ASP E 284 -17.40 -41.53 -8.29
CA ASP E 284 -16.29 -41.34 -9.21
C ASP E 284 -16.69 -40.46 -10.37
N VAL E 285 -17.79 -40.79 -11.05
CA VAL E 285 -18.23 -39.97 -12.16
C VAL E 285 -18.47 -38.53 -11.70
N LEU E 286 -19.09 -38.37 -10.52
CA LEU E 286 -19.41 -37.03 -10.03
C LEU E 286 -18.16 -36.19 -9.83
N CYS E 287 -17.17 -36.74 -9.12
CA CYS E 287 -15.97 -35.98 -8.80
C CYS E 287 -15.14 -35.68 -10.04
N VAL E 288 -15.07 -36.62 -10.99
CA VAL E 288 -14.34 -36.34 -12.21
C VAL E 288 -15.02 -35.23 -13.00
N THR E 289 -16.35 -35.30 -13.12
CA THR E 289 -17.06 -34.24 -13.83
C THR E 289 -16.86 -32.89 -13.16
N ALA E 290 -16.93 -32.86 -11.83
CA ALA E 290 -16.73 -31.62 -11.11
C ALA E 290 -15.35 -31.04 -11.36
N SER E 291 -14.32 -31.87 -11.28
CA SER E 291 -12.95 -31.40 -11.50
C SER E 291 -12.79 -30.80 -12.88
N ILE E 292 -13.23 -31.53 -13.91
CA ILE E 292 -12.96 -31.05 -15.25
C ILE E 292 -13.79 -29.81 -15.56
N GLU E 293 -15.01 -29.71 -15.03
CA GLU E 293 -15.80 -28.51 -15.27
C GLU E 293 -15.30 -27.33 -14.47
N THR E 294 -14.69 -27.55 -13.30
CA THR E 294 -14.07 -26.46 -12.57
C THR E 294 -12.83 -25.95 -13.29
N LEU E 295 -12.08 -26.83 -13.93
CA LEU E 295 -10.98 -26.38 -14.79
C LEU E 295 -11.52 -25.50 -15.91
N CYS E 296 -12.60 -25.95 -16.55
CA CYS E 296 -13.23 -25.13 -17.59
C CYS E 296 -13.67 -23.78 -17.04
N VAL E 297 -14.15 -23.75 -15.81
CA VAL E 297 -14.65 -22.50 -15.24
C VAL E 297 -13.50 -21.54 -14.93
N ILE E 298 -12.40 -22.07 -14.39
CA ILE E 298 -11.22 -21.24 -14.18
C ILE E 298 -10.74 -20.67 -15.50
N ALA E 299 -10.78 -21.48 -16.56
CA ALA E 299 -10.39 -20.99 -17.87
C ALA E 299 -11.32 -19.88 -18.35
N ILE E 300 -12.62 -20.01 -18.11
CA ILE E 300 -13.57 -18.99 -18.55
C ILE E 300 -13.38 -17.71 -17.74
N ASP E 301 -13.07 -17.85 -16.45
CA ASP E 301 -12.80 -16.68 -15.62
C ASP E 301 -11.61 -15.90 -16.14
N ARG E 302 -10.51 -16.60 -16.41
CA ARG E 302 -9.34 -15.93 -16.99
C ARG E 302 -9.69 -15.31 -18.33
N TYR E 303 -10.45 -16.03 -19.16
CA TYR E 303 -10.89 -15.49 -20.44
C TYR E 303 -11.57 -14.15 -20.27
N LEU E 304 -12.55 -14.08 -19.37
CA LEU E 304 -13.29 -12.84 -19.17
C LEU E 304 -12.38 -11.74 -18.63
N ALA E 305 -11.58 -12.06 -17.62
CA ALA E 305 -10.69 -11.07 -17.05
C ALA E 305 -9.82 -10.42 -18.11
N ILE E 306 -9.32 -11.21 -19.07
CA ILE E 306 -8.36 -10.65 -20.03
C ILE E 306 -9.05 -10.07 -21.26
N THR E 307 -10.17 -10.62 -21.72
CA THR E 307 -10.81 -10.16 -22.94
C THR E 307 -11.88 -9.11 -22.69
N SER E 308 -12.18 -8.82 -21.43
CA SER E 308 -13.15 -7.79 -21.07
C SER E 308 -12.73 -7.17 -19.76
N PRO E 309 -11.59 -6.50 -19.74
CA PRO E 309 -10.98 -6.10 -18.46
C PRO E 309 -11.74 -5.00 -17.73
N PHE E 310 -12.55 -4.21 -18.42
CA PHE E 310 -13.27 -3.13 -17.77
C PHE E 310 -14.59 -3.60 -17.16
N ARG E 311 -15.40 -4.33 -17.93
CA ARG E 311 -16.64 -4.88 -17.41
C ARG E 311 -16.43 -6.09 -16.50
N TYR E 312 -15.21 -6.60 -16.40
CA TYR E 312 -15.00 -7.82 -15.61
C TYR E 312 -15.30 -7.59 -14.14
N GLN E 313 -15.01 -6.40 -13.61
CA GLN E 313 -15.34 -6.13 -12.22
C GLN E 313 -16.84 -6.16 -11.96
N SER E 314 -17.67 -6.15 -13.01
CA SER E 314 -19.11 -6.22 -12.88
C SER E 314 -19.66 -7.60 -13.22
N LEU E 315 -19.31 -8.14 -14.39
CA LEU E 315 -19.78 -9.46 -14.78
C LEU E 315 -19.48 -10.52 -13.73
N MET E 316 -18.47 -10.29 -12.90
CA MET E 316 -17.99 -11.31 -11.96
C MET E 316 -18.01 -10.72 -10.57
N THR E 317 -18.91 -11.22 -9.73
CA THR E 317 -18.94 -10.89 -8.32
C THR E 317 -19.09 -12.18 -7.54
N ARG E 318 -18.79 -12.11 -6.25
CA ARG E 318 -18.76 -13.34 -5.44
C ARG E 318 -20.09 -14.06 -5.44
N ALA E 319 -21.19 -13.34 -5.58
CA ALA E 319 -22.50 -13.98 -5.66
C ALA E 319 -22.61 -14.83 -6.91
N ARG E 320 -22.26 -14.27 -8.07
CA ARG E 320 -22.32 -15.05 -9.29
C ARG E 320 -21.28 -16.16 -9.27
N ALA E 321 -20.15 -15.94 -8.62
CA ALA E 321 -19.17 -17.01 -8.49
C ALA E 321 -19.75 -18.19 -7.75
N LYS E 322 -20.44 -17.92 -6.64
CA LYS E 322 -21.01 -19.01 -5.86
C LYS E 322 -22.13 -19.70 -6.62
N VAL E 323 -22.91 -18.93 -7.39
CA VAL E 323 -23.96 -19.55 -8.18
C VAL E 323 -23.36 -20.45 -9.27
N ILE E 324 -22.25 -20.02 -9.86
CA ILE E 324 -21.60 -20.85 -10.89
C ILE E 324 -21.05 -22.14 -10.28
N ILE E 325 -20.41 -22.05 -9.13
CA ILE E 325 -19.90 -23.24 -8.46
C ILE E 325 -21.05 -24.20 -8.16
N CYS E 326 -22.16 -23.67 -7.65
CA CYS E 326 -23.30 -24.53 -7.34
C CYS E 326 -23.87 -25.17 -8.59
N THR E 327 -23.98 -24.42 -9.68
CA THR E 327 -24.48 -25.00 -10.92
C THR E 327 -23.58 -26.12 -11.40
N VAL E 328 -22.26 -25.96 -11.27
CA VAL E 328 -21.35 -27.01 -11.68
C VAL E 328 -21.59 -28.27 -10.87
N TRP E 329 -21.61 -28.15 -9.54
CA TRP E 329 -21.81 -29.34 -8.73
C TRP E 329 -23.18 -29.96 -8.95
N ALA E 330 -24.18 -29.16 -9.30
CA ALA E 330 -25.50 -29.71 -9.57
C ALA E 330 -25.53 -30.47 -10.88
N ILE E 331 -24.85 -29.96 -11.91
CA ILE E 331 -24.75 -30.70 -13.16
C ILE E 331 -24.02 -32.02 -12.94
N SER E 332 -22.97 -31.98 -12.11
CA SER E 332 -22.25 -33.21 -11.80
C SER E 332 -23.16 -34.22 -11.14
N ALA E 333 -23.91 -33.79 -10.12
CA ALA E 333 -24.83 -34.71 -9.45
C ALA E 333 -25.87 -35.25 -10.42
N LEU E 334 -26.43 -34.39 -11.26
CA LEU E 334 -27.51 -34.80 -12.14
C LEU E 334 -27.03 -35.68 -13.29
N VAL E 335 -25.73 -35.68 -13.58
CA VAL E 335 -25.21 -36.61 -14.57
C VAL E 335 -24.64 -37.88 -13.95
N SER E 336 -24.34 -37.88 -12.66
CA SER E 336 -23.74 -39.04 -12.02
C SER E 336 -24.62 -39.88 -11.13
N PHE E 337 -25.35 -39.26 -10.19
CA PHE E 337 -26.08 -40.04 -9.20
C PHE E 337 -27.49 -40.39 -9.62
N LEU E 338 -28.09 -39.61 -10.51
CA LEU E 338 -29.46 -39.87 -10.91
C LEU E 338 -29.51 -41.05 -11.87
N PRO E 339 -28.72 -41.06 -12.95
CA PRO E 339 -28.86 -42.16 -13.91
C PRO E 339 -28.26 -43.47 -13.43
N ILE E 340 -27.21 -43.42 -12.60
CA ILE E 340 -26.54 -44.65 -12.20
C ILE E 340 -27.34 -45.37 -11.13
N MET E 341 -28.05 -44.64 -10.28
CA MET E 341 -28.81 -45.27 -9.19
C MET E 341 -30.19 -45.70 -9.62
N MET E 342 -30.79 -45.03 -10.61
CA MET E 342 -32.07 -45.45 -11.15
C MET E 342 -31.91 -46.50 -12.24
N HIS E 343 -30.73 -47.10 -12.36
CA HIS E 343 -30.48 -48.16 -13.33
C HIS E 343 -30.75 -47.71 -14.76
N TRP E 344 -30.53 -46.43 -15.03
CA TRP E 344 -30.64 -45.95 -16.40
C TRP E 344 -29.37 -46.25 -17.21
N TRP E 345 -28.26 -46.52 -16.54
CA TRP E 345 -26.98 -46.68 -17.21
C TRP E 345 -26.73 -48.11 -17.69
N ARG E 346 -27.52 -49.07 -17.25
CA ARG E 346 -27.22 -50.47 -17.53
C ARG E 346 -27.43 -50.79 -19.01
N ASP E 347 -26.65 -51.74 -19.51
CA ASP E 347 -26.74 -52.18 -20.90
C ASP E 347 -27.63 -53.43 -20.96
N GLU E 348 -27.71 -54.05 -22.13
CA GLU E 348 -28.60 -55.20 -22.34
C GLU E 348 -27.87 -56.39 -22.95
N ASP E 349 -26.57 -56.50 -22.74
CA ASP E 349 -25.79 -57.63 -23.25
C ASP E 349 -25.68 -58.71 -22.17
N PRO E 350 -25.98 -59.98 -22.49
CA PRO E 350 -25.95 -61.01 -21.44
C PRO E 350 -24.73 -60.97 -20.54
N GLN E 351 -23.55 -60.66 -21.08
CA GLN E 351 -22.38 -60.51 -20.23
C GLN E 351 -22.57 -59.33 -19.28
N ALA E 352 -23.11 -58.22 -19.78
CA ALA E 352 -23.42 -57.10 -18.89
C ALA E 352 -24.42 -57.52 -17.83
N LEU E 353 -25.33 -58.45 -18.16
CA LEU E 353 -26.29 -58.93 -17.17
C LEU E 353 -25.58 -59.74 -16.09
N LYS E 354 -24.71 -60.66 -16.50
CA LYS E 354 -23.91 -61.39 -15.51
C LYS E 354 -23.17 -60.42 -14.61
N CYS E 355 -22.65 -59.32 -15.18
CA CYS E 355 -21.96 -58.33 -14.37
C CYS E 355 -22.89 -57.67 -13.36
N TYR E 356 -23.95 -57.03 -13.87
CA TYR E 356 -24.88 -56.33 -12.99
C TYR E 356 -25.53 -57.24 -11.97
N GLN E 357 -25.47 -58.55 -12.18
CA GLN E 357 -26.13 -59.49 -11.28
C GLN E 357 -25.20 -60.01 -10.19
N ASP E 358 -23.93 -60.26 -10.51
CA ASP E 358 -23.02 -60.76 -9.50
C ASP E 358 -22.59 -59.62 -8.58
N PRO E 359 -22.43 -59.88 -7.27
CA PRO E 359 -22.01 -58.80 -6.37
C PRO E 359 -20.52 -58.51 -6.46
N GLY E 360 -19.72 -59.52 -6.78
CA GLY E 360 -18.28 -59.38 -6.81
C GLY E 360 -17.73 -58.79 -8.09
N CYS E 361 -18.60 -58.33 -8.98
CA CYS E 361 -18.19 -57.68 -10.21
C CYS E 361 -18.67 -56.23 -10.18
N CYS E 362 -17.76 -55.30 -10.48
CA CYS E 362 -18.11 -53.89 -10.49
C CYS E 362 -17.61 -53.19 -11.74
N ASP E 363 -17.50 -53.95 -12.83
CA ASP E 363 -17.03 -53.39 -14.09
C ASP E 363 -17.88 -52.18 -14.48
N PHE E 364 -17.30 -51.36 -15.37
CA PHE E 364 -17.96 -50.15 -15.84
C PHE E 364 -18.69 -50.36 -17.16
N VAL E 365 -19.24 -51.54 -17.39
CA VAL E 365 -20.01 -51.79 -18.60
C VAL E 365 -21.25 -50.91 -18.59
N THR E 366 -21.42 -50.12 -19.64
CA THR E 366 -22.58 -49.25 -19.79
C THR E 366 -23.13 -49.39 -21.20
N ASN E 367 -24.27 -48.77 -21.44
CA ASN E 367 -24.85 -48.72 -22.77
C ASN E 367 -24.35 -47.48 -23.52
N ARG E 368 -24.64 -47.45 -24.82
CA ARG E 368 -24.15 -46.35 -25.65
C ARG E 368 -24.58 -45.01 -25.09
N ALA E 369 -25.85 -44.87 -24.76
CA ALA E 369 -26.39 -43.57 -24.39
C ALA E 369 -25.64 -42.96 -23.22
N TYR E 370 -25.53 -43.71 -22.12
CA TYR E 370 -24.94 -43.12 -20.93
C TYR E 370 -23.48 -42.81 -21.13
N ALA E 371 -22.74 -43.70 -21.79
CA ALA E 371 -21.34 -43.45 -22.05
C ALA E 371 -21.17 -42.18 -22.87
N ILE E 372 -21.89 -42.07 -23.97
CA ILE E 372 -21.77 -40.90 -24.83
C ILE E 372 -22.09 -39.63 -24.06
N ALA E 373 -23.26 -39.59 -23.43
CA ALA E 373 -23.69 -38.37 -22.75
C ALA E 373 -22.74 -38.00 -21.61
N SER E 374 -22.31 -38.98 -20.82
CA SER E 374 -21.46 -38.69 -19.68
C SER E 374 -20.08 -38.23 -20.12
N SER E 375 -19.51 -38.87 -21.16
CA SER E 375 -18.22 -38.43 -21.65
C SER E 375 -18.32 -37.04 -22.26
N ILE E 376 -19.44 -36.72 -22.88
CA ILE E 376 -19.63 -35.38 -23.42
C ILE E 376 -19.65 -34.35 -22.30
N ILE E 377 -20.46 -34.60 -21.27
CA ILE E 377 -20.64 -33.59 -20.23
C ILE E 377 -19.45 -33.52 -19.29
N SER E 378 -18.64 -34.58 -19.19
CA SER E 378 -17.54 -34.61 -18.24
C SER E 378 -16.21 -34.17 -18.85
N PHE E 379 -15.96 -34.47 -20.12
CA PHE E 379 -14.67 -34.21 -20.73
C PHE E 379 -14.74 -33.33 -21.97
N TYR E 380 -15.61 -33.65 -22.93
CA TYR E 380 -15.44 -33.11 -24.27
C TYR E 380 -15.82 -31.64 -24.35
N ILE E 381 -16.90 -31.23 -23.72
CA ILE E 381 -17.32 -29.83 -23.76
C ILE E 381 -16.32 -29.02 -22.95
N PRO E 382 -15.96 -29.44 -21.73
CA PRO E 382 -14.89 -28.73 -21.02
C PRO E 382 -13.61 -28.63 -21.81
N LEU E 383 -13.24 -29.68 -22.54
CA LEU E 383 -12.00 -29.64 -23.33
C LEU E 383 -12.10 -28.62 -24.44
N LEU E 384 -13.20 -28.62 -25.19
CA LEU E 384 -13.33 -27.63 -26.27
C LEU E 384 -13.31 -26.22 -25.71
N ILE E 385 -14.00 -25.98 -24.59
CA ILE E 385 -14.02 -24.64 -24.03
C ILE E 385 -12.62 -24.23 -23.57
N MET E 386 -11.89 -25.14 -22.92
CA MET E 386 -10.55 -24.79 -22.46
C MET E 386 -9.63 -24.48 -23.63
N ILE E 387 -9.69 -25.29 -24.68
CA ILE E 387 -8.85 -25.03 -25.85
C ILE E 387 -9.17 -23.64 -26.42
N PHE E 388 -10.46 -23.36 -26.61
CA PHE E 388 -10.89 -22.08 -27.16
C PHE E 388 -10.37 -20.90 -26.33
N VAL E 389 -10.62 -20.94 -25.02
CA VAL E 389 -10.31 -19.79 -24.19
C VAL E 389 -8.80 -19.61 -24.08
N TYR E 390 -8.05 -20.70 -23.96
CA TYR E 390 -6.61 -20.52 -23.81
C TYR E 390 -5.94 -20.14 -25.11
N LEU E 391 -6.53 -20.49 -26.26
CA LEU E 391 -6.04 -19.92 -27.51
C LEU E 391 -6.20 -18.41 -27.51
N ARG E 392 -7.38 -17.94 -27.11
CA ARG E 392 -7.58 -16.48 -27.06
C ARG E 392 -6.61 -15.82 -26.09
N VAL E 393 -6.36 -16.45 -24.94
CA VAL E 393 -5.45 -15.88 -23.96
C VAL E 393 -4.03 -15.82 -24.51
N TYR E 394 -3.60 -16.86 -25.20
CA TYR E 394 -2.28 -16.86 -25.81
C TYR E 394 -2.16 -15.73 -26.83
N ARG E 395 -3.18 -15.55 -27.64
CA ARG E 395 -3.17 -14.47 -28.62
C ARG E 395 -2.98 -13.12 -27.95
N GLU E 396 -3.74 -12.87 -26.88
CA GLU E 396 -3.64 -11.58 -26.21
C GLU E 396 -2.28 -11.39 -25.55
N ALA E 397 -1.73 -12.46 -24.97
CA ALA E 397 -0.40 -12.35 -24.38
C ALA E 397 0.64 -12.03 -25.44
N LYS E 398 0.51 -12.61 -26.63
CA LYS E 398 1.44 -12.29 -27.70
C LYS E 398 1.33 -10.82 -28.09
N GLU E 399 0.13 -10.29 -28.16
CA GLU E 399 -0.03 -8.88 -28.52
C GLU E 399 0.62 -7.97 -27.47
N GLN E 400 0.39 -8.27 -26.20
CA GLN E 400 0.99 -7.44 -25.15
C GLN E 400 2.51 -7.54 -25.18
N ILE E 401 3.05 -8.74 -25.45
CA ILE E 401 4.50 -8.88 -25.51
C ILE E 401 5.06 -8.09 -26.68
N ARG E 402 4.37 -8.13 -27.83
CA ARG E 402 4.81 -7.31 -28.95
C ARG E 402 4.88 -5.85 -28.55
N LYS E 403 3.85 -5.35 -27.87
CA LYS E 403 3.85 -3.94 -27.49
C LYS E 403 4.97 -3.62 -26.52
N ILE E 404 5.20 -4.47 -25.52
CA ILE E 404 6.24 -4.20 -24.54
C ILE E 404 7.59 -4.08 -25.22
N ASP E 405 8.09 -5.18 -25.79
CA ASP E 405 9.39 -5.17 -26.46
C ASP E 405 9.21 -4.86 -27.95
N ARG E 410 11.16 -12.77 -27.23
CA ARG E 410 11.12 -14.20 -27.54
C ARG E 410 11.18 -15.04 -26.28
N PHE E 411 11.99 -14.60 -25.31
CA PHE E 411 12.02 -15.27 -24.02
C PHE E 411 10.65 -15.26 -23.36
N ARG E 412 9.93 -14.14 -23.49
CA ARG E 412 8.64 -14.01 -22.82
C ARG E 412 7.56 -14.81 -23.53
N GLU E 413 7.55 -14.79 -24.86
CA GLU E 413 6.61 -15.66 -25.57
C GLU E 413 6.86 -17.12 -25.22
N HIS E 414 8.13 -17.48 -25.02
CA HIS E 414 8.43 -18.84 -24.60
C HIS E 414 7.93 -19.11 -23.19
N LYS E 415 7.99 -18.12 -22.30
CA LYS E 415 7.44 -18.32 -20.96
C LYS E 415 5.93 -18.56 -21.02
N ALA E 416 5.22 -17.74 -21.79
CA ALA E 416 3.78 -17.92 -21.94
C ALA E 416 3.45 -19.27 -22.54
N LEU E 417 4.21 -19.67 -23.57
CA LEU E 417 3.98 -20.96 -24.19
C LEU E 417 4.22 -22.08 -23.20
N LYS E 418 5.26 -21.96 -22.38
CA LYS E 418 5.53 -23.00 -21.38
C LYS E 418 4.37 -23.11 -20.40
N THR E 419 3.83 -21.99 -19.95
CA THR E 419 2.74 -22.04 -18.97
C THR E 419 1.49 -22.68 -19.57
N LEU E 420 1.06 -22.20 -20.73
CA LEU E 420 -0.14 -22.79 -21.33
C LEU E 420 0.09 -24.24 -21.74
N GLY E 421 1.32 -24.59 -22.11
CA GLY E 421 1.61 -25.97 -22.43
C GLY E 421 1.51 -26.87 -21.22
N ILE E 422 2.10 -26.44 -20.10
CA ILE E 422 1.94 -27.21 -18.87
C ILE E 422 0.46 -27.48 -18.64
N ILE E 423 -0.34 -26.41 -18.65
CA ILE E 423 -1.77 -26.55 -18.33
C ILE E 423 -2.43 -27.58 -19.25
N MET E 424 -2.47 -27.27 -20.55
CA MET E 424 -3.27 -28.08 -21.45
C MET E 424 -2.66 -29.46 -21.68
N GLY E 425 -1.33 -29.55 -21.73
CA GLY E 425 -0.71 -30.84 -21.94
C GLY E 425 -0.93 -31.78 -20.78
N VAL E 426 -0.77 -31.31 -19.55
CA VAL E 426 -1.06 -32.19 -18.41
C VAL E 426 -2.51 -32.63 -18.47
N PHE E 427 -3.43 -31.69 -18.63
CA PHE E 427 -4.84 -32.05 -18.67
C PHE E 427 -5.11 -33.14 -19.71
N THR E 428 -4.64 -32.91 -20.94
CA THR E 428 -4.99 -33.82 -22.02
C THR E 428 -4.27 -35.16 -21.88
N LEU E 429 -2.95 -35.13 -21.74
CA LEU E 429 -2.22 -36.37 -21.56
C LEU E 429 -2.80 -37.20 -20.42
N CYS E 430 -3.45 -36.56 -19.45
CA CYS E 430 -3.97 -37.33 -18.33
C CYS E 430 -5.39 -37.85 -18.53
N TRP E 431 -6.24 -37.15 -19.28
CA TRP E 431 -7.63 -37.60 -19.40
C TRP E 431 -8.08 -38.00 -20.80
N LEU E 432 -7.31 -37.75 -21.85
CA LEU E 432 -7.83 -38.00 -23.19
C LEU E 432 -7.86 -39.49 -23.54
N PRO E 433 -6.81 -40.25 -23.20
CA PRO E 433 -6.87 -41.69 -23.49
C PRO E 433 -8.07 -42.40 -22.89
N PHE E 434 -8.40 -42.09 -21.62
CA PHE E 434 -9.51 -42.79 -20.98
C PHE E 434 -10.82 -42.54 -21.71
N PHE E 435 -11.12 -41.29 -22.04
CA PHE E 435 -12.42 -41.01 -22.64
C PHE E 435 -12.49 -41.48 -24.08
N LEU E 436 -11.36 -41.45 -24.80
CA LEU E 436 -11.34 -42.09 -26.11
C LEU E 436 -11.69 -43.57 -26.00
N VAL E 437 -11.05 -44.35 -25.11
CA VAL E 437 -11.41 -45.76 -25.00
C VAL E 437 -12.81 -45.90 -24.42
N ASN E 438 -13.25 -44.94 -23.62
CA ASN E 438 -14.60 -44.96 -23.09
C ASN E 438 -15.61 -44.92 -24.22
N ILE E 439 -15.43 -43.97 -25.15
CA ILE E 439 -16.35 -43.87 -26.27
C ILE E 439 -16.22 -45.02 -27.25
N VAL E 440 -15.09 -45.72 -27.30
CA VAL E 440 -14.99 -46.86 -28.21
C VAL E 440 -15.44 -48.18 -27.59
N ASN E 441 -15.46 -48.28 -26.26
CA ASN E 441 -15.89 -49.53 -25.63
C ASN E 441 -17.32 -49.88 -26.02
N VAL E 442 -18.20 -48.89 -26.06
CA VAL E 442 -19.62 -49.15 -26.33
C VAL E 442 -19.88 -49.44 -27.79
N PHE E 443 -18.87 -49.38 -28.65
CA PHE E 443 -19.02 -49.71 -30.06
C PHE E 443 -18.34 -51.01 -30.46
N ASN E 444 -17.28 -51.41 -29.75
CA ASN E 444 -16.63 -52.68 -30.03
C ASN E 444 -16.07 -53.08 -28.67
N ARG E 445 -16.67 -54.10 -28.06
CA ARG E 445 -16.19 -54.56 -26.77
C ARG E 445 -14.83 -55.22 -26.90
N ASP E 446 -14.64 -56.04 -27.94
CA ASP E 446 -13.39 -56.79 -28.12
C ASP E 446 -12.45 -56.07 -29.08
N LEU E 447 -12.06 -54.86 -28.69
CA LEU E 447 -10.94 -54.19 -29.34
C LEU E 447 -9.84 -53.85 -28.34
N VAL E 448 -10.20 -53.11 -27.30
CA VAL E 448 -9.22 -52.70 -26.29
C VAL E 448 -9.26 -53.71 -25.14
N PRO E 449 -8.12 -54.19 -24.65
CA PRO E 449 -8.16 -55.06 -23.46
C PRO E 449 -8.73 -54.32 -22.25
N ASP E 450 -8.90 -55.03 -21.14
CA ASP E 450 -9.49 -54.42 -19.95
C ASP E 450 -8.45 -53.66 -19.15
N TRP E 451 -7.32 -54.30 -18.91
CA TRP E 451 -6.30 -53.68 -18.08
C TRP E 451 -5.87 -52.33 -18.62
N LEU E 452 -5.95 -52.14 -19.95
CA LEU E 452 -5.52 -50.87 -20.51
C LEU E 452 -6.55 -49.78 -20.24
N PHE E 453 -7.83 -50.12 -20.35
CA PHE E 453 -8.90 -49.22 -19.91
C PHE E 453 -8.70 -48.82 -18.45
N VAL E 454 -8.39 -49.78 -17.59
CA VAL E 454 -8.19 -49.48 -16.18
C VAL E 454 -6.99 -48.54 -16.00
N PHE E 455 -5.88 -48.85 -16.66
CA PHE E 455 -4.68 -48.04 -16.51
C PHE E 455 -4.92 -46.60 -16.99
N PHE E 456 -5.70 -46.44 -18.04
CA PHE E 456 -6.01 -45.09 -18.50
C PHE E 456 -6.88 -44.35 -17.50
N ASN E 457 -7.80 -45.06 -16.87
CA ASN E 457 -8.64 -44.46 -15.86
C ASN E 457 -7.77 -44.02 -14.68
N TRP E 458 -6.67 -44.74 -14.46
CA TRP E 458 -5.77 -44.39 -13.36
C TRP E 458 -4.88 -43.20 -13.69
N LEU E 459 -4.46 -43.09 -14.95
CA LEU E 459 -3.80 -41.86 -15.37
C LEU E 459 -4.69 -40.65 -15.11
N GLY E 460 -5.95 -40.77 -15.50
CA GLY E 460 -6.92 -39.75 -15.19
C GLY E 460 -6.90 -39.38 -13.72
N TYR E 461 -7.11 -40.37 -12.85
CA TYR E 461 -7.11 -40.09 -11.42
C TYR E 461 -5.83 -39.37 -11.00
N ALA E 462 -4.70 -39.78 -11.56
CA ALA E 462 -3.43 -39.15 -11.21
C ALA E 462 -3.39 -37.68 -11.60
N ASN E 463 -4.17 -37.28 -12.60
CA ASN E 463 -4.28 -35.86 -12.91
C ASN E 463 -4.57 -35.02 -11.66
N SER E 464 -5.45 -35.51 -10.80
CA SER E 464 -5.90 -34.69 -9.67
C SER E 464 -4.75 -34.30 -8.75
N ALA E 465 -3.65 -35.07 -8.78
CA ALA E 465 -2.48 -34.70 -8.01
C ALA E 465 -1.74 -33.51 -8.60
N PHE E 466 -1.83 -33.32 -9.92
CA PHE E 466 -1.04 -32.30 -10.58
C PHE E 466 -1.68 -30.91 -10.54
N ASN E 467 -2.99 -30.82 -10.33
CA ASN E 467 -3.64 -29.52 -10.34
C ASN E 467 -3.13 -28.59 -9.25
N PRO E 468 -2.90 -29.05 -8.02
CA PRO E 468 -2.34 -28.15 -7.00
C PRO E 468 -0.99 -27.57 -7.36
N ILE E 469 -0.31 -28.09 -8.38
CA ILE E 469 0.99 -27.59 -8.79
C ILE E 469 0.81 -26.70 -10.00
N ILE E 470 -0.22 -26.96 -10.80
CA ILE E 470 -0.44 -26.17 -12.00
C ILE E 470 -1.18 -24.89 -11.71
N TYR E 471 -1.92 -24.80 -10.59
CA TYR E 471 -2.76 -23.65 -10.33
C TYR E 471 -2.44 -22.91 -9.03
N CYS E 472 -1.52 -23.41 -8.22
CA CYS E 472 -1.29 -22.85 -6.89
C CYS E 472 0.20 -22.63 -6.61
N ARG E 473 0.95 -22.15 -7.59
CA ARG E 473 2.37 -21.89 -7.44
C ARG E 473 2.69 -20.40 -7.27
N SER E 474 1.69 -19.53 -7.24
CA SER E 474 1.96 -18.11 -7.12
C SER E 474 2.82 -17.83 -5.90
N PRO E 475 3.42 -16.64 -5.84
CA PRO E 475 4.29 -16.34 -4.68
C PRO E 475 3.56 -16.37 -3.35
N ASP E 476 2.34 -15.81 -3.31
CA ASP E 476 1.56 -15.85 -2.07
C ASP E 476 1.22 -17.29 -1.69
N PHE E 477 0.92 -18.12 -2.69
CA PHE E 477 0.64 -19.53 -2.41
C PHE E 477 1.84 -20.21 -1.78
N ARG E 478 3.04 -19.99 -2.33
CA ARG E 478 4.24 -20.61 -1.79
C ARG E 478 4.53 -20.10 -0.39
N LYS E 479 4.35 -18.80 -0.17
CA LYS E 479 4.52 -18.24 1.17
C LYS E 479 3.60 -18.92 2.16
N ALA E 480 2.33 -19.08 1.79
CA ALA E 480 1.37 -19.72 2.67
C ALA E 480 1.74 -21.18 2.92
N PHE E 481 2.18 -21.89 1.89
CA PHE E 481 2.58 -23.28 2.07
C PHE E 481 3.74 -23.39 3.04
N LYS E 482 4.76 -22.56 2.86
CA LYS E 482 5.90 -22.58 3.77
C LYS E 482 5.46 -22.30 5.20
N ARG E 483 4.63 -21.27 5.38
CA ARG E 483 4.13 -20.97 6.72
C ARG E 483 3.43 -22.17 7.32
N LEU E 484 2.52 -22.78 6.55
CA LEU E 484 1.71 -23.88 7.08
C LEU E 484 2.58 -25.05 7.50
N LEU E 485 3.43 -25.52 6.59
CA LEU E 485 4.03 -26.85 6.73
C LEU E 485 4.90 -27.03 7.97
O3 Y00 F . -8.94 -50.29 -10.75
C16 Y00 F . -10.00 -49.68 -11.34
C15 Y00 F . -10.38 -48.42 -10.94
C14 Y00 F . -11.47 -47.84 -11.54
C17 Y00 F . -10.67 -50.32 -12.34
C18 Y00 F . -11.76 -49.72 -12.94
C13 Y00 F . -12.16 -48.46 -12.55
C12 Y00 F . -13.35 -47.82 -13.20
C11 Y00 F . -14.35 -47.38 -12.19
C9 Y00 F . -15.27 -46.30 -12.65
C10 Y00 F . -15.97 -45.71 -11.44
N1 Y00 F . -14.53 -45.28 -13.41
C8 Y00 F . -15.41 -44.47 -14.24
C1 Y00 F . -14.95 -43.04 -14.32
C2 Y00 F . -15.80 -42.21 -15.24
C7 Y00 F . -16.53 -42.78 -16.26
C6 Y00 F . -17.32 -42.02 -17.09
O1 Y00 F . -18.05 -42.56 -18.11
C5 Y00 F . -17.40 -40.66 -16.89
O2 Y00 F . -18.17 -39.92 -17.72
C4 Y00 F . -16.67 -40.07 -15.90
C3 Y00 F . -15.87 -40.84 -15.08
H3 Y00 F . -8.88 -50.04 -9.92
H15 Y00 F . -9.92 -47.98 -10.24
H17 Y00 F . -10.41 -51.18 -12.61
H14 Y00 F . -11.73 -46.98 -11.27
H18 Y00 F . -12.22 -50.17 -13.63
H121 Y00 F . -13.04 -47.04 -13.72
H122 Y00 F . -13.76 -48.45 -13.82
H111 Y00 F . -13.89 -47.06 -11.39
H112 Y00 F . -14.89 -48.16 -11.93
H9 Y00 F . -15.95 -46.70 -13.25
H101 Y00 F . -15.30 -45.29 -10.86
H102 Y00 F . -16.61 -45.04 -11.73
H103 Y00 F . -16.42 -46.41 -10.94
H1 Y00 F . -14.12 -44.73 -12.82
H81C Y00 F . -15.43 -44.85 -15.14
H82C Y00 F . -16.32 -44.49 -13.87
H11C Y00 F . -14.95 -42.64 -13.42
H12C Y00 F . -14.01 -43.02 -14.64
H7 Y00 F . -16.49 -43.71 -16.41
HA Y00 F . -15.39 -40.43 -14.37
HB Y00 F . -18.42 -41.93 -18.57
H2 Y00 F . -18.08 -39.09 -17.53
H4 Y00 F . -16.72 -39.13 -15.76
#